data_8CIO
#
_entry.id   8CIO
#
_cell.length_a   1.00
_cell.length_b   1.00
_cell.length_c   1.00
_cell.angle_alpha   90.00
_cell.angle_beta   90.00
_cell.angle_gamma   90.00
#
_symmetry.space_group_name_H-M   'P 1'
#
_entity_poly.entity_id   1
_entity_poly.type   'polypeptide(L)'
_entity_poly.pdbx_seq_one_letter_code
;AGTLIGQVGVQMVIGAGCTIINGSVSGGINQWGTLDFGSHSDLTNVVDAQTVGTSGNIQIQCSTGLTPSLTVNAGLHASG
GQRYMQNTTTTSSTIAYNIYSDAARSALIQANTPVDISSVSTGTAVNIPLYGRVVPTGQSTPTPTAGTYTDTLLVTIAW
;
_entity_poly.pdbx_strand_id   A,B,C,D,E
#
# COMPACT_ATOMS: atom_id res chain seq x y z
N ALA A 1 -16.13 -16.87 -44.94
CA ALA A 1 -15.01 -17.36 -45.72
C ALA A 1 -14.12 -18.28 -44.90
N GLY A 2 -14.41 -18.37 -43.61
CA GLY A 2 -13.65 -19.23 -42.72
C GLY A 2 -14.33 -19.36 -41.38
N THR A 3 -13.93 -20.38 -40.64
CA THR A 3 -14.51 -20.67 -39.33
C THR A 3 -13.58 -21.60 -38.58
N LEU A 4 -13.24 -21.24 -37.35
CA LEU A 4 -12.40 -22.05 -36.47
C LEU A 4 -13.13 -22.31 -35.17
N ILE A 5 -13.02 -23.54 -34.67
CA ILE A 5 -13.72 -23.97 -33.46
C ILE A 5 -12.69 -24.45 -32.45
N GLY A 6 -12.81 -23.96 -31.22
CA GLY A 6 -11.91 -24.37 -30.16
C GLY A 6 -12.49 -24.07 -28.80
N GLN A 7 -11.95 -24.75 -27.79
CA GLN A 7 -12.36 -24.55 -26.41
C GLN A 7 -11.18 -24.03 -25.59
N VAL A 8 -11.45 -23.10 -24.69
CA VAL A 8 -10.40 -22.47 -23.90
C VAL A 8 -10.25 -23.22 -22.57
N GLY A 9 -11.30 -23.23 -21.76
CA GLY A 9 -11.22 -23.84 -20.45
C GLY A 9 -10.72 -22.88 -19.39
N VAL A 10 -11.48 -22.73 -18.31
CA VAL A 10 -11.16 -21.81 -17.24
C VAL A 10 -10.99 -22.61 -15.96
N GLN A 11 -9.90 -22.34 -15.23
CA GLN A 11 -9.58 -23.07 -14.00
C GLN A 11 -9.21 -22.09 -12.91
N MET A 12 -9.80 -22.28 -11.73
CA MET A 12 -9.44 -21.53 -10.53
C MET A 12 -9.38 -22.49 -9.36
N VAL A 13 -8.41 -22.29 -8.48
CA VAL A 13 -8.17 -23.19 -7.35
C VAL A 13 -8.23 -22.40 -6.06
N ILE A 14 -8.95 -22.94 -5.07
CA ILE A 14 -9.03 -22.37 -3.74
C ILE A 14 -8.15 -23.21 -2.81
N GLY A 15 -7.35 -22.53 -1.99
CA GLY A 15 -6.33 -23.20 -1.22
C GLY A 15 -5.43 -22.20 -0.53
N ALA A 16 -4.12 -22.33 -0.77
CA ALA A 16 -3.16 -21.35 -0.29
C ALA A 16 -3.64 -19.93 -0.62
N GLY A 17 -3.72 -19.10 0.42
CA GLY A 17 -4.38 -17.81 0.32
C GLY A 17 -3.43 -16.64 0.14
N CYS A 18 -3.09 -15.98 1.25
CA CYS A 18 -2.26 -14.78 1.24
C CYS A 18 -2.93 -13.65 0.46
N THR A 19 -4.11 -13.27 0.94
CA THR A 19 -4.94 -12.23 0.34
C THR A 19 -5.18 -11.11 1.35
N ILE A 20 -5.26 -9.88 0.84
CA ILE A 20 -5.35 -8.70 1.70
C ILE A 20 -6.72 -8.66 2.37
N ILE A 21 -6.78 -7.99 3.52
CA ILE A 21 -8.00 -7.85 4.31
C ILE A 21 -8.19 -6.37 4.62
N ASN A 22 -9.43 -6.01 4.95
CA ASN A 22 -9.81 -4.64 5.30
C ASN A 22 -9.66 -3.68 4.11
N GLY A 23 -9.85 -4.19 2.90
CA GLY A 23 -9.77 -3.37 1.71
C GLY A 23 -11.04 -3.39 0.89
N SER A 24 -11.71 -2.24 0.78
CA SER A 24 -12.95 -2.16 0.03
C SER A 24 -12.68 -2.12 -1.46
N VAL A 25 -13.65 -2.61 -2.24
CA VAL A 25 -13.59 -2.58 -3.70
C VAL A 25 -14.86 -1.89 -4.20
N SER A 26 -14.68 -0.94 -5.13
CA SER A 26 -15.80 -0.18 -5.68
C SER A 26 -16.24 -0.69 -7.04
N GLY A 27 -15.33 -0.70 -8.01
CA GLY A 27 -15.66 -1.14 -9.36
C GLY A 27 -14.58 -2.01 -9.97
N GLY A 28 -13.92 -2.81 -9.14
CA GLY A 28 -12.74 -3.54 -9.57
C GLY A 28 -11.44 -2.80 -9.38
N ILE A 29 -11.49 -1.57 -8.84
CA ILE A 29 -10.26 -0.83 -8.57
C ILE A 29 -9.45 -1.51 -7.46
N ASN A 30 -10.13 -2.12 -6.49
CA ASN A 30 -9.49 -2.83 -5.38
C ASN A 30 -8.62 -1.88 -4.55
N GLN A 31 -9.27 -0.87 -3.97
CA GLN A 31 -8.57 0.08 -3.12
C GLN A 31 -8.12 -0.57 -1.82
N TRP A 32 -7.00 -0.08 -1.28
CA TRP A 32 -6.36 -0.68 -0.12
C TRP A 32 -6.00 0.38 0.91
N GLY A 33 -6.96 1.25 1.23
CA GLY A 33 -6.76 2.23 2.28
C GLY A 33 -6.19 3.55 1.80
N THR A 34 -5.45 4.24 2.67
CA THR A 34 -4.86 5.53 2.34
C THR A 34 -3.68 5.78 3.27
N LEU A 35 -2.63 6.41 2.74
CA LEU A 35 -1.48 6.84 3.53
C LEU A 35 -1.73 8.26 4.00
N ASP A 36 -2.45 8.39 5.11
CA ASP A 36 -2.84 9.69 5.64
C ASP A 36 -1.73 10.22 6.54
N PHE A 37 -0.99 11.22 6.04
CA PHE A 37 0.07 11.82 6.82
C PHE A 37 -0.46 12.77 7.89
N GLY A 38 -1.57 13.45 7.63
CA GLY A 38 -2.16 14.36 8.58
C GLY A 38 -2.07 15.80 8.12
N SER A 39 -2.29 16.71 9.09
CA SER A 39 -2.28 18.14 8.85
C SER A 39 -1.06 18.76 9.50
N HIS A 40 -0.34 19.59 8.74
CA HIS A 40 0.83 20.30 9.23
C HIS A 40 0.97 21.61 8.47
N SER A 41 1.85 22.47 8.96
CA SER A 41 2.19 23.71 8.29
C SER A 41 3.66 24.01 8.48
N ASP A 42 4.32 24.46 7.42
CA ASP A 42 5.75 24.79 7.44
C ASP A 42 6.56 23.59 7.94
N LEU A 43 6.51 22.52 7.15
CA LEU A 43 7.12 21.25 7.54
C LEU A 43 8.62 21.43 7.79
N THR A 44 9.02 21.26 9.05
CA THR A 44 10.42 21.29 9.44
C THR A 44 10.80 20.10 10.32
N ASN A 45 9.86 19.19 10.57
CA ASN A 45 10.10 18.00 11.37
C ASN A 45 9.60 16.78 10.63
N VAL A 46 10.25 15.65 10.86
CA VAL A 46 9.89 14.41 10.16
C VAL A 46 8.51 13.96 10.59
N VAL A 47 7.70 13.54 9.62
CA VAL A 47 6.34 13.07 9.86
C VAL A 47 6.25 11.62 9.39
N ASP A 48 5.67 10.77 10.23
CA ASP A 48 5.51 9.35 9.93
C ASP A 48 4.03 9.01 9.83
N ALA A 49 3.72 8.05 8.96
CA ALA A 49 2.35 7.59 8.78
C ALA A 49 2.38 6.16 8.25
N GLN A 50 1.26 5.48 8.43
CA GLN A 50 1.10 4.10 8.00
C GLN A 50 -0.21 3.95 7.25
N THR A 51 -0.28 2.93 6.39
CA THR A 51 -1.45 2.70 5.55
C THR A 51 -2.64 2.34 6.42
N VAL A 52 -3.60 3.25 6.53
CA VAL A 52 -4.83 3.04 7.29
C VAL A 52 -6.02 3.24 6.35
N GLY A 53 -6.99 2.34 6.44
CA GLY A 53 -8.18 2.44 5.62
C GLY A 53 -9.44 2.20 6.41
N THR A 54 -10.41 3.10 6.26
CA THR A 54 -11.69 3.10 6.99
C THR A 54 -11.56 2.59 8.43
N SER A 55 -12.26 1.51 8.77
CA SER A 55 -12.37 1.10 10.17
C SER A 55 -11.02 0.67 10.75
N GLY A 56 -10.32 -0.24 10.07
CA GLY A 56 -9.15 -0.88 10.64
C GLY A 56 -7.93 -0.79 9.74
N ASN A 57 -6.76 -1.07 10.33
CA ASN A 57 -5.52 -1.03 9.58
C ASN A 57 -5.48 -2.15 8.55
N ILE A 58 -4.81 -1.87 7.43
CA ILE A 58 -4.62 -2.88 6.39
C ILE A 58 -3.68 -3.96 6.89
N GLN A 59 -4.07 -5.22 6.70
CA GLN A 59 -3.28 -6.35 7.15
C GLN A 59 -3.09 -7.32 5.99
N ILE A 60 -2.17 -8.27 6.18
CA ILE A 60 -1.80 -9.21 5.11
C ILE A 60 -2.50 -10.54 5.33
N GLN A 61 -2.22 -11.19 6.46
CA GLN A 61 -2.73 -12.52 6.78
C GLN A 61 -2.39 -13.51 5.66
N CYS A 62 -1.08 -13.67 5.47
CA CYS A 62 -0.56 -14.48 4.38
C CYS A 62 -0.60 -15.96 4.76
N SER A 63 -0.34 -16.81 3.77
CA SER A 63 -0.36 -18.26 3.97
C SER A 63 1.02 -18.76 4.36
N THR A 64 1.05 -19.99 4.86
CA THR A 64 2.31 -20.61 5.23
C THR A 64 3.19 -20.81 4.00
N GLY A 65 4.50 -20.61 4.19
CA GLY A 65 5.41 -20.64 3.06
C GLY A 65 5.06 -19.54 2.08
N LEU A 66 5.29 -19.84 0.79
CA LEU A 66 4.88 -18.95 -0.31
C LEU A 66 5.51 -17.57 -0.17
N THR A 67 6.85 -17.55 -0.27
CA THR A 67 7.61 -16.30 -0.20
C THR A 67 7.12 -15.33 -1.26
N PRO A 68 6.43 -14.25 -0.87
CA PRO A 68 5.83 -13.36 -1.86
C PRO A 68 6.78 -12.25 -2.30
N SER A 69 6.30 -11.38 -3.18
CA SER A 69 7.06 -10.23 -3.64
C SER A 69 6.16 -9.01 -3.67
N LEU A 70 6.66 -7.90 -3.16
CA LEU A 70 5.93 -6.64 -3.11
C LEU A 70 6.56 -5.65 -4.08
N THR A 71 5.75 -5.11 -4.99
CA THR A 71 6.20 -4.14 -5.97
C THR A 71 5.32 -2.91 -5.89
N VAL A 72 5.95 -1.74 -5.75
CA VAL A 72 5.24 -0.47 -5.62
C VAL A 72 5.60 0.39 -6.83
N ASN A 73 4.58 0.79 -7.58
CA ASN A 73 4.80 1.66 -8.73
C ASN A 73 5.09 3.08 -8.26
N ALA A 74 5.79 3.83 -9.12
CA ALA A 74 6.00 5.24 -8.85
C ALA A 74 4.68 6.00 -8.99
N GLY A 75 4.60 7.13 -8.30
CA GLY A 75 3.38 7.90 -8.29
C GLY A 75 3.12 8.56 -9.64
N LEU A 76 1.91 9.11 -9.76
CA LEU A 76 1.54 9.80 -10.99
C LEU A 76 2.43 11.01 -11.22
N HIS A 77 2.80 11.71 -10.15
CA HIS A 77 3.66 12.89 -10.23
C HIS A 77 5.03 12.48 -9.69
N ALA A 78 5.92 12.09 -10.59
CA ALA A 78 7.23 11.61 -10.21
C ALA A 78 8.30 12.26 -11.08
N SER A 79 9.50 12.40 -10.53
CA SER A 79 10.62 12.98 -11.25
C SER A 79 11.91 12.55 -10.56
N GLY A 80 12.82 11.96 -11.31
CA GLY A 80 14.10 11.54 -10.74
C GLY A 80 14.02 10.33 -9.86
N GLY A 81 12.97 9.53 -9.96
CA GLY A 81 12.84 8.33 -9.16
C GLY A 81 12.32 8.56 -7.75
N GLN A 82 11.93 9.79 -7.41
CA GLN A 82 11.37 10.10 -6.10
C GLN A 82 9.92 10.51 -6.26
N ARG A 83 9.03 9.86 -5.52
CA ARG A 83 7.61 10.14 -5.59
C ARG A 83 7.30 11.51 -4.99
N TYR A 84 6.32 12.18 -5.58
CA TYR A 84 5.98 13.55 -5.22
C TYR A 84 4.50 13.67 -4.90
N MET A 85 4.13 14.78 -4.27
CA MET A 85 2.75 15.14 -4.03
C MET A 85 2.48 16.50 -4.68
N GLN A 86 1.35 16.62 -5.37
CA GLN A 86 0.99 17.84 -6.07
C GLN A 86 -0.36 18.35 -5.60
N ASN A 87 -0.44 19.66 -5.39
CA ASN A 87 -1.66 20.29 -4.90
C ASN A 87 -2.74 20.23 -5.98
N THR A 88 -3.99 20.13 -5.52
CA THR A 88 -5.14 20.13 -6.42
C THR A 88 -5.51 21.53 -6.90
N THR A 89 -4.96 22.58 -6.27
CA THR A 89 -5.25 23.95 -6.66
C THR A 89 -4.10 24.58 -7.45
N THR A 90 -2.89 24.57 -6.89
CA THR A 90 -1.72 25.12 -7.54
C THR A 90 -0.81 23.98 -8.00
N THR A 91 -0.44 24.01 -9.28
CA THR A 91 0.38 22.95 -9.85
C THR A 91 1.85 23.04 -9.45
N SER A 92 2.31 24.23 -9.05
CA SER A 92 3.73 24.40 -8.76
C SER A 92 4.13 23.75 -7.43
N SER A 93 3.30 23.90 -6.41
CA SER A 93 3.64 23.40 -5.08
C SER A 93 3.79 21.88 -5.09
N THR A 94 4.83 21.40 -4.40
CA THR A 94 5.15 19.98 -4.40
C THR A 94 5.90 19.63 -3.12
N ILE A 95 5.59 18.46 -2.56
CA ILE A 95 6.28 17.92 -1.39
C ILE A 95 6.77 16.53 -1.74
N ALA A 96 8.06 16.28 -1.51
CA ALA A 96 8.62 14.95 -1.73
C ALA A 96 8.38 14.06 -0.51
N TYR A 97 8.34 12.76 -0.76
CA TYR A 97 8.17 11.79 0.32
C TYR A 97 8.80 10.47 -0.08
N ASN A 98 9.06 9.64 0.93
CA ASN A 98 9.65 8.33 0.73
C ASN A 98 8.73 7.26 1.32
N ILE A 99 9.02 6.01 0.98
CA ILE A 99 8.23 4.87 1.44
C ILE A 99 9.20 3.75 1.83
N TYR A 100 8.85 3.01 2.87
CA TYR A 100 9.72 1.97 3.42
C TYR A 100 8.93 0.69 3.63
N SER A 101 9.65 -0.43 3.67
CA SER A 101 9.06 -1.75 3.78
C SER A 101 9.14 -2.32 5.20
N ASP A 102 9.58 -1.53 6.17
CA ASP A 102 9.68 -1.99 7.55
C ASP A 102 9.29 -0.87 8.51
N ALA A 103 8.93 -1.27 9.74
CA ALA A 103 8.46 -0.31 10.74
C ALA A 103 9.56 0.68 11.10
N ALA A 104 10.81 0.21 11.20
CA ALA A 104 11.92 1.08 11.54
C ALA A 104 12.23 2.09 10.45
N ARG A 105 11.65 1.94 9.26
CA ARG A 105 11.88 2.84 8.12
C ARG A 105 13.37 2.91 7.77
N SER A 106 14.00 1.73 7.71
CA SER A 106 15.41 1.62 7.35
C SER A 106 15.63 1.08 5.94
N ALA A 107 14.72 0.25 5.43
CA ALA A 107 14.83 -0.31 4.09
C ALA A 107 13.93 0.48 3.14
N LEU A 108 14.53 1.11 2.14
CA LEU A 108 13.79 1.91 1.19
C LEU A 108 13.23 1.03 0.08
N ILE A 109 12.06 1.42 -0.42
CA ILE A 109 11.39 0.72 -1.51
C ILE A 109 11.61 1.54 -2.78
N GLN A 110 12.22 0.92 -3.78
CA GLN A 110 12.48 1.59 -5.05
C GLN A 110 11.34 1.32 -6.04
N ALA A 111 11.22 2.22 -7.01
CA ALA A 111 10.15 2.12 -7.99
C ALA A 111 10.38 0.91 -8.90
N ASN A 112 9.32 0.11 -9.09
CA ASN A 112 9.35 -1.05 -9.97
C ASN A 112 10.46 -2.02 -9.60
N THR A 113 10.66 -2.22 -8.30
CA THR A 113 11.66 -3.16 -7.79
C THR A 113 10.98 -4.07 -6.79
N PRO A 114 10.92 -5.38 -7.04
CA PRO A 114 10.26 -6.29 -6.08
C PRO A 114 11.01 -6.34 -4.76
N VAL A 115 10.25 -6.54 -3.69
CA VAL A 115 10.80 -6.67 -2.34
C VAL A 115 10.34 -8.00 -1.78
N ASP A 116 11.30 -8.80 -1.29
CA ASP A 116 11.01 -10.13 -0.78
C ASP A 116 10.59 -10.01 0.68
N ILE A 117 9.32 -9.73 0.89
CA ILE A 117 8.75 -9.65 2.24
C ILE A 117 8.25 -11.05 2.59
N SER A 118 9.16 -11.87 3.08
CA SER A 118 8.86 -13.25 3.42
C SER A 118 8.54 -13.44 4.90
N SER A 119 8.59 -12.37 5.70
CA SER A 119 8.32 -12.48 7.12
C SER A 119 6.85 -12.31 7.47
N VAL A 120 5.99 -12.11 6.48
CA VAL A 120 4.57 -11.87 6.72
C VAL A 120 3.80 -13.18 6.64
N SER A 121 4.52 -14.30 6.61
CA SER A 121 3.90 -15.61 6.45
C SER A 121 3.35 -16.09 7.80
N THR A 122 2.94 -17.36 7.84
CA THR A 122 2.40 -18.00 9.04
C THR A 122 1.18 -17.26 9.57
N GLY A 123 0.39 -16.69 8.67
CA GLY A 123 -0.85 -16.03 9.08
C GLY A 123 -0.62 -14.91 10.06
N THR A 124 -1.37 -14.94 11.16
CA THR A 124 -1.24 -14.04 12.30
C THR A 124 -1.78 -12.65 11.96
N ALA A 125 -2.11 -12.44 10.69
CA ALA A 125 -2.66 -11.16 10.21
C ALA A 125 -1.77 -9.99 10.59
N VAL A 126 -0.53 -10.05 10.11
CA VAL A 126 0.43 -8.99 10.39
C VAL A 126 0.10 -7.76 9.55
N ASN A 127 0.51 -6.59 10.02
CA ASN A 127 0.28 -5.36 9.30
C ASN A 127 1.05 -5.36 7.98
N ILE A 128 0.47 -4.72 6.97
CA ILE A 128 1.08 -4.70 5.64
C ILE A 128 2.37 -3.89 5.69
N PRO A 129 3.47 -4.39 5.11
CA PRO A 129 4.76 -3.66 5.12
C PRO A 129 4.77 -2.48 4.15
N LEU A 130 4.19 -1.36 4.57
CA LEU A 130 4.17 -0.16 3.75
C LEU A 130 4.09 1.04 4.68
N TYR A 131 5.21 1.71 4.90
CA TYR A 131 5.30 2.86 5.79
C TYR A 131 5.93 4.02 5.04
N GLY A 132 5.40 5.22 5.26
CA GLY A 132 5.88 6.43 4.59
C GLY A 132 6.46 7.40 5.60
N ARG A 133 7.40 8.23 5.14
CA ARG A 133 8.03 9.24 5.96
C ARG A 133 8.36 10.46 5.11
N VAL A 134 8.11 11.64 5.67
CA VAL A 134 8.42 12.90 5.00
C VAL A 134 9.54 13.57 5.79
N VAL A 135 10.67 13.80 5.13
CA VAL A 135 11.85 14.40 5.75
C VAL A 135 12.01 15.81 5.21
N PRO A 136 12.18 16.82 6.07
CA PRO A 136 12.25 18.22 5.63
C PRO A 136 13.62 18.62 5.07
N THR A 137 14.17 17.80 4.19
CA THR A 137 15.38 18.13 3.46
C THR A 137 15.12 17.99 1.96
N GLY A 138 15.62 18.95 1.19
CA GLY A 138 15.35 18.96 -0.23
C GLY A 138 13.90 19.10 -0.59
N GLN A 139 13.08 19.63 0.31
CA GLN A 139 11.65 19.79 0.09
C GLN A 139 11.33 21.13 -0.58
N SER A 140 12.05 21.43 -1.66
CA SER A 140 11.97 22.73 -2.34
C SER A 140 12.12 23.81 -1.28
N THR A 141 11.22 24.78 -1.20
CA THR A 141 11.26 25.72 -0.08
C THR A 141 10.72 25.06 1.18
N PRO A 142 11.28 25.38 2.35
CA PRO A 142 10.80 24.74 3.59
C PRO A 142 9.32 24.95 3.87
N THR A 143 8.76 26.10 3.52
CA THR A 143 7.36 26.40 3.78
C THR A 143 6.55 26.37 2.49
N PRO A 144 5.61 25.45 2.33
CA PRO A 144 4.79 25.42 1.11
C PRO A 144 3.51 26.24 1.26
N THR A 145 2.71 26.30 0.20
CA THR A 145 1.44 27.02 0.23
C THR A 145 0.37 26.10 0.84
N ALA A 146 -0.87 26.56 0.82
CA ALA A 146 -1.98 25.82 1.39
C ALA A 146 -2.67 24.97 0.32
N GLY A 147 -3.25 23.85 0.77
CA GLY A 147 -3.96 22.97 -0.13
C GLY A 147 -4.09 21.59 0.46
N THR A 148 -4.54 20.66 -0.38
CA THR A 148 -4.71 19.26 -0.01
C THR A 148 -3.94 18.41 -1.02
N TYR A 149 -2.65 18.20 -0.76
CA TYR A 149 -1.81 17.46 -1.68
C TYR A 149 -2.21 15.99 -1.69
N THR A 150 -2.21 15.39 -2.88
CA THR A 150 -2.66 14.01 -3.05
C THR A 150 -1.77 13.30 -4.05
N ASP A 151 -1.78 11.97 -3.97
CA ASP A 151 -1.02 11.11 -4.87
C ASP A 151 -1.57 9.70 -4.71
N THR A 152 -1.43 8.90 -5.77
CA THR A 152 -1.89 7.52 -5.77
C THR A 152 -0.77 6.61 -6.25
N LEU A 153 -0.68 5.43 -5.65
CA LEU A 153 0.32 4.43 -5.98
C LEU A 153 -0.36 3.24 -6.67
N LEU A 154 0.43 2.19 -6.92
CA LEU A 154 -0.08 0.94 -7.48
C LEU A 154 0.71 -0.20 -6.87
N VAL A 155 0.10 -0.89 -5.91
CA VAL A 155 0.77 -1.93 -5.13
C VAL A 155 0.42 -3.27 -5.71
N THR A 156 1.43 -4.08 -6.03
CA THR A 156 1.26 -5.41 -6.61
C THR A 156 1.90 -6.44 -5.70
N ILE A 157 1.14 -7.49 -5.37
CA ILE A 157 1.64 -8.61 -4.59
C ILE A 157 1.68 -9.82 -5.51
N ALA A 158 2.88 -10.35 -5.74
CA ALA A 158 3.08 -11.53 -6.56
C ALA A 158 3.71 -12.62 -5.72
N TRP A 159 3.26 -13.86 -5.90
CA TRP A 159 3.75 -14.97 -5.11
C TRP A 159 3.51 -16.31 -5.80
N ALA B 1 -32.41 -52.06 -56.29
CA ALA B 1 -33.66 -51.53 -56.82
C ALA B 1 -33.48 -50.12 -57.35
N GLY B 2 -32.30 -49.56 -57.13
CA GLY B 2 -32.00 -48.22 -57.59
C GLY B 2 -30.53 -47.92 -57.45
N THR B 3 -30.09 -46.88 -58.16
CA THR B 3 -28.69 -46.48 -58.15
C THR B 3 -28.59 -45.07 -58.71
N LEU B 4 -27.91 -44.19 -57.98
CA LEU B 4 -27.68 -42.82 -58.40
C LEU B 4 -26.18 -42.54 -58.39
N ILE B 5 -25.71 -41.81 -59.40
CA ILE B 5 -24.30 -41.51 -59.59
C ILE B 5 -24.12 -40.00 -59.62
N GLY B 6 -23.17 -39.51 -58.83
CA GLY B 6 -22.88 -38.09 -58.81
C GLY B 6 -21.51 -37.81 -58.24
N GLN B 7 -21.00 -36.63 -58.53
CA GLN B 7 -19.71 -36.18 -58.02
C GLN B 7 -19.91 -34.95 -57.14
N VAL B 8 -19.16 -34.89 -56.04
CA VAL B 8 -19.30 -33.81 -55.09
C VAL B 8 -18.30 -32.70 -55.41
N GLY B 9 -17.02 -33.02 -55.35
CA GLY B 9 -15.99 -32.02 -55.56
C GLY B 9 -15.62 -31.29 -54.29
N VAL B 10 -14.32 -31.27 -53.96
CA VAL B 10 -13.82 -30.66 -52.73
C VAL B 10 -12.86 -29.54 -53.12
N GLN B 11 -13.03 -28.37 -52.52
CA GLN B 11 -12.20 -27.21 -52.84
C GLN B 11 -11.73 -26.56 -51.55
N MET B 12 -10.44 -26.26 -51.49
CA MET B 12 -9.85 -25.49 -50.41
C MET B 12 -8.86 -24.50 -50.99
N VAL B 13 -8.84 -23.29 -50.42
CA VAL B 13 -8.01 -22.21 -50.94
C VAL B 13 -7.08 -21.71 -49.84
N ILE B 14 -5.81 -21.52 -50.19
CA ILE B 14 -4.82 -20.95 -49.29
C ILE B 14 -4.56 -19.51 -49.71
N GLY B 15 -4.52 -18.61 -48.74
CA GLY B 15 -4.49 -17.20 -49.02
C GLY B 15 -4.68 -16.38 -47.75
N ALA B 16 -5.67 -15.49 -47.76
CA ALA B 16 -6.04 -14.76 -46.56
C ALA B 16 -6.16 -15.71 -45.36
N GLY B 17 -5.42 -15.40 -44.30
CA GLY B 17 -5.25 -16.32 -43.20
C GLY B 17 -6.14 -16.03 -42.00
N CYS B 18 -5.59 -15.32 -41.02
CA CYS B 18 -6.28 -15.01 -39.77
C CYS B 18 -6.58 -16.30 -38.99
N THR B 19 -5.51 -17.02 -38.67
CA THR B 19 -5.58 -18.29 -37.96
C THR B 19 -4.81 -18.21 -36.65
N ILE B 20 -5.30 -18.90 -35.62
CA ILE B 20 -4.73 -18.80 -34.29
C ILE B 20 -3.35 -19.45 -34.25
N ILE B 21 -2.52 -19.02 -33.31
CA ILE B 21 -1.16 -19.51 -33.13
C ILE B 21 -0.98 -19.89 -31.66
N ASN B 22 0.01 -20.74 -31.40
CA ASN B 22 0.34 -21.22 -30.06
C ASN B 22 -0.78 -22.05 -29.45
N GLY B 23 -1.53 -22.77 -30.29
CA GLY B 23 -2.58 -23.64 -29.81
C GLY B 23 -2.40 -25.08 -30.24
N SER B 24 -2.20 -25.97 -29.27
CA SER B 24 -2.00 -27.38 -29.57
C SER B 24 -3.32 -28.07 -29.91
N VAL B 25 -3.23 -29.12 -30.71
CA VAL B 25 -4.39 -29.94 -31.08
C VAL B 25 -4.05 -31.39 -30.74
N SER B 26 -4.99 -32.07 -30.07
CA SER B 26 -4.79 -33.45 -29.65
C SER B 26 -5.49 -34.44 -30.57
N GLY B 27 -6.80 -34.31 -30.72
CA GLY B 27 -7.56 -35.23 -31.54
C GLY B 27 -8.61 -34.53 -32.39
N GLY B 28 -8.30 -33.31 -32.83
CA GLY B 28 -9.29 -32.46 -33.48
C GLY B 28 -10.06 -31.57 -32.54
N ILE B 29 -9.77 -31.63 -31.23
CA ILE B 29 -10.43 -30.75 -30.29
C ILE B 29 -10.01 -29.30 -30.51
N ASN B 30 -8.76 -29.08 -30.92
CA ASN B 30 -8.23 -27.74 -31.20
C ASN B 30 -8.27 -26.85 -29.95
N GLN B 31 -7.55 -27.29 -28.93
CA GLN B 31 -7.46 -26.53 -27.69
C GLN B 31 -6.68 -25.24 -27.89
N TRP B 32 -7.04 -24.22 -27.12
CA TRP B 32 -6.48 -22.87 -27.29
C TRP B 32 -6.06 -22.29 -25.94
N GLY B 33 -5.32 -23.07 -25.17
CA GLY B 33 -4.77 -22.58 -23.92
C GLY B 33 -5.66 -22.80 -22.71
N THR B 34 -5.55 -21.92 -21.72
CA THR B 34 -6.34 -22.02 -20.50
C THR B 34 -6.41 -20.65 -19.83
N LEU B 35 -7.57 -20.35 -19.24
CA LEU B 35 -7.74 -19.13 -18.46
C LEU B 35 -7.41 -19.44 -17.01
N ASP B 36 -6.11 -19.37 -16.68
CA ASP B 36 -5.62 -19.72 -15.36
C ASP B 36 -5.73 -18.50 -14.45
N PHE B 37 -6.70 -18.51 -13.53
CA PHE B 37 -6.85 -17.41 -12.59
C PHE B 37 -5.82 -17.45 -11.47
N GLY B 38 -5.40 -18.63 -11.06
CA GLY B 38 -4.41 -18.78 -10.01
C GLY B 38 -4.99 -19.38 -8.74
N SER B 39 -4.23 -19.24 -7.66
CA SER B 39 -4.61 -19.77 -6.35
C SER B 39 -4.97 -18.64 -5.42
N HIS B 40 -6.10 -18.77 -4.75
CA HIS B 40 -6.55 -17.78 -3.76
C HIS B 40 -7.38 -18.50 -2.70
N SER B 41 -7.69 -17.77 -1.63
CA SER B 41 -8.57 -18.26 -0.59
C SER B 41 -9.40 -17.11 -0.04
N ASP B 42 -10.68 -17.36 0.19
CA ASP B 42 -11.61 -16.36 0.70
C ASP B 42 -11.59 -15.11 -0.18
N LEU B 43 -12.03 -15.31 -1.42
CA LEU B 43 -11.96 -14.26 -2.43
C LEU B 43 -12.75 -13.03 -2.00
N THR B 44 -12.02 -11.94 -1.75
CA THR B 44 -12.61 -10.65 -1.43
C THR B 44 -12.03 -9.53 -2.27
N ASN B 45 -11.14 -9.83 -3.19
CA ASN B 45 -10.53 -8.84 -4.07
C ASN B 45 -10.62 -9.32 -5.51
N VAL B 46 -10.71 -8.37 -6.44
CA VAL B 46 -10.86 -8.71 -7.84
C VAL B 46 -9.59 -9.38 -8.35
N VAL B 47 -9.77 -10.44 -9.13
CA VAL B 47 -8.66 -11.20 -9.71
C VAL B 47 -8.79 -11.15 -11.23
N ASP B 48 -7.67 -10.85 -11.89
CA ASP B 48 -7.62 -10.76 -13.33
C ASP B 48 -6.71 -11.84 -13.90
N ALA B 49 -7.06 -12.33 -15.08
CA ALA B 49 -6.26 -13.34 -15.76
C ALA B 49 -6.51 -13.23 -17.26
N GLN B 50 -5.57 -13.79 -18.03
CA GLN B 50 -5.64 -13.78 -19.48
C GLN B 50 -5.35 -15.17 -20.01
N THR B 51 -5.82 -15.43 -21.22
CA THR B 51 -5.70 -16.75 -21.84
C THR B 51 -4.23 -17.05 -22.11
N VAL B 52 -3.66 -17.98 -21.34
CA VAL B 52 -2.27 -18.40 -21.51
C VAL B 52 -2.26 -19.90 -21.73
N GLY B 53 -1.46 -20.34 -22.70
CA GLY B 53 -1.34 -21.76 -23.01
C GLY B 53 0.09 -22.19 -23.20
N THR B 54 0.48 -23.27 -22.51
CA THR B 54 1.84 -23.81 -22.49
C THR B 54 2.92 -22.73 -22.56
N SER B 55 3.76 -22.75 -23.59
CA SER B 55 4.95 -21.90 -23.62
C SER B 55 4.58 -20.42 -23.68
N GLY B 56 3.74 -20.03 -24.64
CA GLY B 56 3.51 -18.63 -24.92
C GLY B 56 2.05 -18.25 -24.92
N ASN B 57 1.79 -16.94 -24.85
CA ASN B 57 0.43 -16.44 -24.86
C ASN B 57 -0.25 -16.71 -26.19
N ILE B 58 -1.57 -16.93 -26.15
CA ILE B 58 -2.34 -17.12 -27.36
C ILE B 58 -2.43 -15.81 -28.12
N GLN B 59 -2.16 -15.86 -29.43
CA GLN B 59 -2.19 -14.68 -30.27
C GLN B 59 -3.07 -14.94 -31.48
N ILE B 60 -3.38 -13.87 -32.21
CA ILE B 60 -4.31 -13.96 -33.34
C ILE B 60 -3.53 -13.98 -34.65
N GLN B 61 -2.77 -12.93 -34.91
CA GLN B 61 -2.03 -12.76 -36.17
C GLN B 61 -2.99 -12.87 -37.37
N CYS B 62 -3.94 -11.95 -37.38
CA CYS B 62 -5.00 -11.96 -38.38
C CYS B 62 -4.50 -11.36 -39.69
N SER B 63 -5.31 -11.50 -40.73
CA SER B 63 -4.96 -11.00 -42.06
C SER B 63 -5.47 -9.59 -42.25
N THR B 64 -4.96 -8.92 -43.27
CA THR B 64 -5.39 -7.56 -43.59
C THR B 64 -6.87 -7.56 -43.99
N GLY B 65 -7.58 -6.52 -43.57
CA GLY B 65 -9.01 -6.49 -43.78
C GLY B 65 -9.69 -7.63 -43.05
N LEU B 66 -10.77 -8.13 -43.64
CA LEU B 66 -11.47 -9.33 -43.16
C LEU B 66 -11.93 -9.16 -41.72
N THR B 67 -12.85 -8.21 -41.54
CA THR B 67 -13.44 -7.93 -40.23
C THR B 67 -14.07 -9.20 -39.66
N PRO B 68 -13.47 -9.80 -38.63
CA PRO B 68 -13.96 -11.08 -38.13
C PRO B 68 -15.02 -10.93 -37.07
N SER B 69 -15.50 -12.06 -36.54
CA SER B 69 -16.49 -12.06 -35.47
C SER B 69 -16.09 -13.11 -34.44
N LEU B 70 -16.16 -12.74 -33.17
CA LEU B 70 -15.82 -13.62 -32.06
C LEU B 70 -17.08 -13.99 -31.30
N THR B 71 -17.33 -15.29 -31.15
CA THR B 71 -18.48 -15.79 -30.43
C THR B 71 -18.01 -16.75 -29.35
N VAL B 72 -18.46 -16.52 -28.12
CA VAL B 72 -18.07 -17.34 -26.98
C VAL B 72 -19.32 -18.02 -26.43
N ASN B 73 -19.30 -19.34 -26.40
CA ASN B 73 -20.42 -20.10 -25.86
C ASN B 73 -20.44 -19.99 -24.34
N ALA B 74 -21.62 -20.18 -23.76
CA ALA B 74 -21.74 -20.25 -22.31
C ALA B 74 -21.10 -21.54 -21.81
N GLY B 75 -20.66 -21.52 -20.56
CA GLY B 75 -19.98 -22.66 -20.00
C GLY B 75 -20.91 -23.83 -19.77
N LEU B 76 -20.31 -24.98 -19.45
CA LEU B 76 -21.11 -26.18 -19.18
C LEU B 76 -22.00 -25.97 -17.96
N HIS B 77 -21.51 -25.26 -16.95
CA HIS B 77 -22.27 -24.99 -15.74
C HIS B 77 -22.66 -23.52 -15.79
N ALA B 78 -23.86 -23.25 -16.28
CA ALA B 78 -24.35 -21.90 -16.45
C ALA B 78 -25.78 -21.78 -15.92
N SER B 79 -26.12 -20.58 -15.46
CA SER B 79 -27.47 -20.31 -14.96
C SER B 79 -27.70 -18.81 -14.99
N GLY B 80 -28.78 -18.39 -15.64
CA GLY B 80 -29.11 -16.98 -15.70
C GLY B 80 -28.23 -16.17 -16.63
N GLY B 81 -27.55 -16.81 -17.57
CA GLY B 81 -26.69 -16.10 -18.49
C GLY B 81 -25.32 -15.74 -17.98
N GLN B 82 -24.97 -16.18 -16.77
CA GLN B 82 -23.66 -15.92 -16.18
C GLN B 82 -22.91 -17.23 -16.03
N ARG B 83 -21.70 -17.28 -16.59
CA ARG B 83 -20.88 -18.49 -16.54
C ARG B 83 -20.40 -18.75 -15.11
N TYR B 84 -20.31 -20.04 -14.77
CA TYR B 84 -20.00 -20.46 -13.41
C TYR B 84 -18.83 -21.43 -13.43
N MET B 85 -18.26 -21.65 -12.24
CA MET B 85 -17.24 -22.67 -12.03
C MET B 85 -17.73 -23.63 -10.95
N GLN B 86 -17.55 -24.93 -11.18
CA GLN B 86 -18.03 -25.95 -10.26
C GLN B 86 -16.86 -26.84 -9.83
N ASN B 87 -16.82 -27.15 -8.54
CA ASN B 87 -15.76 -27.97 -7.98
C ASN B 87 -15.87 -29.40 -8.49
N THR B 88 -14.72 -30.06 -8.62
CA THR B 88 -14.68 -31.45 -9.03
C THR B 88 -14.99 -32.41 -7.88
N THR B 89 -14.99 -31.92 -6.64
CA THR B 89 -15.28 -32.75 -5.47
C THR B 89 -16.69 -32.51 -4.93
N THR B 90 -17.02 -31.27 -4.62
CA THR B 90 -18.34 -30.91 -4.11
C THR B 90 -19.12 -30.17 -5.19
N THR B 91 -20.33 -30.65 -5.47
CA THR B 91 -21.16 -30.07 -6.52
C THR B 91 -21.79 -28.74 -6.11
N SER B 92 -21.94 -28.48 -4.81
CA SER B 92 -22.63 -27.29 -4.37
C SER B 92 -21.80 -26.03 -4.56
N SER B 93 -20.50 -26.10 -4.27
CA SER B 93 -19.64 -24.91 -4.33
C SER B 93 -19.56 -24.38 -5.76
N THR B 94 -19.63 -23.06 -5.89
CA THR B 94 -19.66 -22.41 -7.19
C THR B 94 -19.11 -20.99 -7.06
N ILE B 95 -18.33 -20.57 -8.06
CA ILE B 95 -17.82 -19.21 -8.17
C ILE B 95 -18.22 -18.65 -9.52
N ALA B 96 -18.84 -17.47 -9.52
CA ALA B 96 -19.19 -16.80 -10.76
C ALA B 96 -18.00 -16.03 -11.31
N TYR B 97 -17.99 -15.82 -12.62
CA TYR B 97 -16.94 -15.06 -13.27
C TYR B 97 -17.48 -14.45 -14.55
N ASN B 98 -16.77 -13.43 -15.03
CA ASN B 98 -17.12 -12.73 -16.25
C ASN B 98 -15.96 -12.78 -17.23
N ILE B 99 -16.25 -12.41 -18.47
CA ILE B 99 -15.26 -12.42 -19.54
C ILE B 99 -15.43 -11.14 -20.37
N TYR B 100 -14.32 -10.59 -20.85
CA TYR B 100 -14.32 -9.32 -21.55
C TYR B 100 -13.50 -9.43 -22.82
N SER B 101 -13.79 -8.54 -23.78
CA SER B 101 -13.16 -8.55 -25.09
C SER B 101 -12.05 -7.51 -25.23
N ASP B 102 -11.70 -6.83 -24.15
CA ASP B 102 -10.65 -5.81 -24.20
C ASP B 102 -9.81 -5.87 -22.93
N ALA B 103 -8.59 -5.31 -23.02
CA ALA B 103 -7.67 -5.34 -21.90
C ALA B 103 -8.20 -4.57 -20.71
N ALA B 104 -8.86 -3.44 -20.95
CA ALA B 104 -9.42 -2.63 -19.87
C ALA B 104 -10.57 -3.32 -19.17
N ARG B 105 -11.10 -4.42 -19.72
CA ARG B 105 -12.22 -5.15 -19.15
C ARG B 105 -13.44 -4.25 -18.97
N SER B 106 -13.74 -3.48 -20.02
CA SER B 106 -14.89 -2.59 -20.03
C SER B 106 -16.04 -3.10 -20.89
N ALA B 107 -15.75 -3.86 -21.94
CA ALA B 107 -16.77 -4.40 -22.83
C ALA B 107 -17.02 -5.86 -22.46
N LEU B 108 -18.24 -6.16 -22.05
CA LEU B 108 -18.60 -7.51 -21.65
C LEU B 108 -18.98 -8.34 -22.87
N ILE B 109 -18.66 -9.64 -22.80
CA ILE B 109 -18.99 -10.59 -23.85
C ILE B 109 -20.20 -11.40 -23.40
N GLN B 110 -21.27 -11.34 -24.18
CA GLN B 110 -22.49 -12.08 -23.85
C GLN B 110 -22.49 -13.44 -24.53
N ALA B 111 -23.26 -14.36 -23.96
CA ALA B 111 -23.33 -15.72 -24.48
C ALA B 111 -24.00 -15.74 -25.84
N ASN B 112 -23.37 -16.43 -26.79
CA ASN B 112 -23.92 -16.61 -28.15
C ASN B 112 -24.23 -15.27 -28.81
N THR B 113 -23.33 -14.30 -28.62
CA THR B 113 -23.46 -12.99 -29.23
C THR B 113 -22.15 -12.65 -29.92
N PRO B 114 -22.14 -12.48 -31.24
CA PRO B 114 -20.88 -12.17 -31.93
C PRO B 114 -20.33 -10.80 -31.52
N VAL B 115 -19.01 -10.70 -31.51
CA VAL B 115 -18.31 -9.47 -31.20
C VAL B 115 -17.42 -9.10 -32.39
N ASP B 116 -17.56 -7.87 -32.87
CA ASP B 116 -16.83 -7.41 -34.05
C ASP B 116 -15.46 -6.90 -33.59
N ILE B 117 -14.53 -7.85 -33.44
CA ILE B 117 -13.15 -7.50 -33.06
C ILE B 117 -12.39 -7.29 -34.38
N SER B 118 -12.50 -6.07 -34.90
CA SER B 118 -11.86 -5.71 -36.16
C SER B 118 -10.50 -5.04 -35.99
N SER B 119 -10.06 -4.83 -34.75
CA SER B 119 -8.80 -4.17 -34.49
C SER B 119 -7.61 -5.13 -34.44
N VAL B 120 -7.85 -6.43 -34.64
CA VAL B 120 -6.79 -7.42 -34.54
C VAL B 120 -6.20 -7.70 -35.93
N SER B 121 -6.55 -6.84 -36.89
CA SER B 121 -6.11 -7.04 -38.27
C SER B 121 -4.67 -6.53 -38.44
N THR B 122 -4.22 -6.47 -39.69
CA THR B 122 -2.88 -5.99 -40.06
C THR B 122 -1.78 -6.82 -39.37
N GLY B 123 -2.05 -8.11 -39.18
CA GLY B 123 -1.04 -9.00 -38.62
C GLY B 123 -0.58 -8.55 -37.25
N THR B 124 0.75 -8.48 -37.08
CA THR B 124 1.43 -7.95 -35.90
C THR B 124 1.32 -8.95 -34.74
N ALA B 125 0.54 -10.01 -34.93
CA ALA B 125 0.37 -11.08 -33.94
C ALA B 125 -0.06 -10.50 -32.59
N VAL B 126 -1.21 -9.82 -32.59
CA VAL B 126 -1.74 -9.23 -31.38
C VAL B 126 -2.33 -10.31 -30.49
N ASN B 127 -2.36 -10.04 -29.18
CA ASN B 127 -2.93 -10.99 -28.23
C ASN B 127 -4.42 -11.18 -28.50
N ILE B 128 -4.90 -12.40 -28.24
CA ILE B 128 -6.31 -12.72 -28.50
C ILE B 128 -7.20 -11.93 -27.54
N PRO B 129 -8.27 -11.29 -28.02
CA PRO B 129 -9.17 -10.52 -27.14
C PRO B 129 -10.07 -11.40 -26.29
N LEU B 130 -9.52 -11.91 -25.18
CA LEU B 130 -10.29 -12.74 -24.27
C LEU B 130 -9.67 -12.60 -22.88
N TYR B 131 -10.31 -11.80 -22.03
CA TYR B 131 -9.82 -11.54 -20.67
C TYR B 131 -10.94 -11.83 -19.69
N GLY B 132 -10.59 -12.43 -18.56
CA GLY B 132 -11.54 -12.79 -17.53
C GLY B 132 -11.28 -12.04 -16.24
N ARG B 133 -12.33 -11.82 -15.46
CA ARG B 133 -12.23 -11.14 -14.18
C ARG B 133 -13.23 -11.73 -13.20
N VAL B 134 -12.81 -11.92 -11.97
CA VAL B 134 -13.66 -12.43 -10.90
C VAL B 134 -13.86 -11.31 -9.90
N VAL B 135 -15.11 -10.90 -9.70
CA VAL B 135 -15.47 -9.80 -8.80
C VAL B 135 -16.15 -10.40 -7.58
N PRO B 136 -15.73 -10.03 -6.36
CA PRO B 136 -16.30 -10.63 -5.13
C PRO B 136 -17.64 -10.03 -4.71
N THR B 137 -18.56 -9.91 -5.66
CA THR B 137 -19.93 -9.51 -5.37
C THR B 137 -20.89 -10.54 -5.95
N GLY B 138 -21.91 -10.89 -5.18
CA GLY B 138 -22.82 -11.92 -5.60
C GLY B 138 -22.19 -13.28 -5.77
N GLN B 139 -21.04 -13.52 -5.13
CA GLN B 139 -20.33 -14.78 -5.24
C GLN B 139 -20.80 -15.79 -4.19
N SER B 140 -22.12 -15.96 -4.10
CA SER B 140 -22.76 -16.79 -3.06
C SER B 140 -22.19 -16.35 -1.71
N THR B 141 -21.67 -17.26 -0.90
CA THR B 141 -20.96 -16.84 0.31
C THR B 141 -19.57 -16.32 -0.05
N PRO B 142 -19.07 -15.31 0.65
CA PRO B 142 -17.74 -14.76 0.32
C PRO B 142 -16.62 -15.78 0.39
N THR B 143 -16.68 -16.74 1.31
CA THR B 143 -15.62 -17.73 1.46
C THR B 143 -16.10 -19.09 0.98
N PRO B 144 -15.50 -19.64 -0.08
CA PRO B 144 -15.91 -20.97 -0.55
C PRO B 144 -15.09 -22.09 0.09
N THR B 145 -15.40 -23.33 -0.26
CA THR B 145 -14.65 -24.47 0.25
C THR B 145 -13.40 -24.67 -0.59
N ALA B 146 -12.68 -25.77 -0.34
CA ALA B 146 -11.44 -26.07 -1.04
C ALA B 146 -11.71 -26.97 -2.24
N GLY B 147 -10.87 -26.84 -3.26
CA GLY B 147 -10.99 -27.67 -4.44
C GLY B 147 -10.29 -27.03 -5.62
N THR B 148 -10.53 -27.61 -6.79
CA THR B 148 -9.96 -27.13 -8.06
C THR B 148 -11.11 -26.91 -9.02
N TYR B 149 -11.70 -25.72 -8.97
CA TYR B 149 -12.84 -25.40 -9.81
C TYR B 149 -12.41 -25.29 -11.27
N THR B 150 -13.24 -25.84 -12.16
CA THR B 150 -12.91 -25.89 -13.59
C THR B 150 -14.16 -25.59 -14.41
N ASP B 151 -13.92 -25.18 -15.66
CA ASP B 151 -14.97 -24.89 -16.62
C ASP B 151 -14.33 -24.82 -18.00
N THR B 152 -15.13 -25.10 -19.02
CA THR B 152 -14.66 -25.08 -20.40
C THR B 152 -15.63 -24.26 -21.24
N LEU B 153 -15.08 -23.51 -22.19
CA LEU B 153 -15.83 -22.66 -23.09
C LEU B 153 -15.78 -23.24 -24.51
N LEU B 154 -16.33 -22.50 -25.47
CA LEU B 154 -16.29 -22.88 -26.88
C LEU B 154 -16.18 -21.59 -27.69
N VAL B 155 -14.98 -21.29 -28.16
CA VAL B 155 -14.68 -20.03 -28.84
C VAL B 155 -14.72 -20.28 -30.34
N THR B 156 -15.51 -19.47 -31.06
CA THR B 156 -15.67 -19.57 -32.50
C THR B 156 -15.25 -18.27 -33.15
N ILE B 157 -14.39 -18.35 -34.15
CA ILE B 157 -13.96 -17.20 -34.94
C ILE B 157 -14.54 -17.37 -36.34
N ALA B 158 -15.41 -16.44 -36.74
CA ALA B 158 -16.02 -16.45 -38.06
C ALA B 158 -15.65 -15.16 -38.78
N TRP B 159 -15.34 -15.27 -40.07
CA TRP B 159 -14.91 -14.11 -40.84
C TRP B 159 -15.11 -14.33 -42.34
N ALA C 1 -25.93 -61.28 -95.11
CA ALA C 1 -25.60 -62.68 -94.93
C ALA C 1 -26.30 -63.25 -93.70
N GLY C 2 -26.95 -62.38 -92.94
CA GLY C 2 -27.67 -62.80 -91.75
C GLY C 2 -28.53 -61.69 -91.22
N THR C 3 -29.49 -62.07 -90.38
CA THR C 3 -30.43 -61.12 -89.80
C THR C 3 -31.10 -61.77 -88.59
N LEU C 4 -31.09 -61.08 -87.46
CA LEU C 4 -31.74 -61.53 -86.24
C LEU C 4 -32.72 -60.47 -85.76
N ILE C 5 -33.87 -60.92 -85.29
CA ILE C 5 -34.96 -60.04 -84.86
C ILE C 5 -35.28 -60.35 -83.41
N GLY C 6 -35.36 -59.30 -82.60
CA GLY C 6 -35.71 -59.48 -81.19
C GLY C 6 -36.17 -58.17 -80.59
N GLN C 7 -36.88 -58.29 -79.46
CA GLN C 7 -37.37 -57.14 -78.72
C GLN C 7 -36.74 -57.12 -77.34
N VAL C 8 -36.39 -55.91 -76.87
CA VAL C 8 -35.71 -55.76 -75.60
C VAL C 8 -36.74 -55.52 -74.50
N GLY C 9 -37.47 -54.41 -74.60
CA GLY C 9 -38.42 -54.04 -73.57
C GLY C 9 -37.77 -53.21 -72.47
N VAL C 10 -38.35 -52.05 -72.19
CA VAL C 10 -37.83 -51.12 -71.19
C VAL C 10 -38.88 -50.94 -70.12
N GLN C 11 -38.46 -51.04 -68.86
CA GLN C 11 -39.37 -50.92 -67.72
C GLN C 11 -38.78 -49.99 -66.68
N MET C 12 -39.61 -49.06 -66.20
CA MET C 12 -39.25 -48.19 -65.09
C MET C 12 -40.45 -48.07 -64.17
N VAL C 13 -40.19 -48.06 -62.87
CA VAL C 13 -41.25 -48.04 -61.85
C VAL C 13 -41.07 -46.83 -60.95
N ILE C 14 -42.17 -46.13 -60.70
CA ILE C 14 -42.20 -45.00 -59.78
C ILE C 14 -42.86 -45.45 -58.49
N GLY C 15 -42.26 -45.11 -57.35
CA GLY C 15 -42.67 -45.65 -56.08
C GLY C 15 -41.70 -45.27 -54.99
N ALA C 16 -41.19 -46.27 -54.28
CA ALA C 16 -40.13 -46.05 -53.29
C ALA C 16 -39.03 -45.18 -53.88
N GLY C 17 -38.73 -44.08 -53.19
CA GLY C 17 -37.88 -43.04 -53.74
C GLY C 17 -36.45 -43.08 -53.25
N CYS C 18 -36.14 -42.30 -52.23
CA CYS C 18 -34.79 -42.16 -51.69
C CYS C 18 -33.85 -41.57 -52.75
N THR C 19 -34.19 -40.36 -53.19
CA THR C 19 -33.45 -39.64 -54.21
C THR C 19 -32.96 -38.31 -53.67
N ILE C 20 -31.78 -37.88 -54.11
CA ILE C 20 -31.14 -36.69 -53.57
C ILE C 20 -31.92 -35.44 -53.99
N ILE C 21 -31.78 -34.38 -53.20
CA ILE C 21 -32.45 -33.11 -53.43
C ILE C 21 -31.40 -32.00 -53.36
N ASN C 22 -31.73 -30.85 -53.97
CA ASN C 22 -30.85 -29.68 -54.00
C ASN C 22 -29.57 -29.94 -54.79
N GLY C 23 -29.64 -30.80 -55.80
CA GLY C 23 -28.49 -31.07 -56.64
C GLY C 23 -28.76 -30.77 -58.10
N SER C 24 -28.03 -29.80 -58.65
CA SER C 24 -28.21 -29.43 -60.05
C SER C 24 -27.53 -30.44 -60.97
N VAL C 25 -28.06 -30.55 -62.19
CA VAL C 25 -27.51 -31.40 -63.23
C VAL C 25 -27.26 -30.55 -64.47
N SER C 26 -26.07 -30.67 -65.06
CA SER C 26 -25.70 -29.88 -66.23
C SER C 26 -25.83 -30.68 -67.52
N GLY C 27 -25.13 -31.79 -67.62
CA GLY C 27 -25.14 -32.61 -68.83
C GLY C 27 -25.21 -34.09 -68.53
N GLY C 28 -25.90 -34.46 -67.46
CA GLY C 28 -25.87 -35.82 -66.97
C GLY C 28 -24.78 -36.10 -65.97
N ILE C 29 -23.97 -35.10 -65.63
CA ILE C 29 -22.94 -35.29 -64.61
C ILE C 29 -23.56 -35.51 -63.25
N ASN C 30 -24.69 -34.87 -62.97
CA ASN C 30 -25.41 -35.02 -61.70
C ASN C 30 -24.56 -34.55 -60.52
N GLN C 31 -24.18 -33.28 -60.55
CA GLN C 31 -23.40 -32.70 -59.48
C GLN C 31 -24.22 -32.59 -58.20
N TRP C 32 -23.54 -32.69 -57.05
CA TRP C 32 -24.19 -32.75 -55.75
C TRP C 32 -23.51 -31.80 -54.77
N GLY C 33 -23.29 -30.56 -55.19
CA GLY C 33 -22.76 -29.55 -54.30
C GLY C 33 -21.25 -29.45 -54.30
N THR C 34 -20.67 -29.02 -53.17
CA THR C 34 -19.23 -28.87 -53.04
C THR C 34 -18.86 -28.93 -51.57
N LEU C 35 -17.71 -29.53 -51.28
CA LEU C 35 -17.16 -29.55 -49.92
C LEU C 35 -16.23 -28.35 -49.78
N ASP C 36 -16.81 -27.20 -49.44
CA ASP C 36 -16.07 -25.95 -49.34
C ASP C 36 -15.48 -25.83 -47.93
N PHE C 37 -14.16 -26.03 -47.83
CA PHE C 37 -13.50 -25.90 -46.55
C PHE C 37 -13.30 -24.45 -46.13
N GLY C 38 -13.10 -23.55 -47.08
CA GLY C 38 -12.92 -22.15 -46.80
C GLY C 38 -11.51 -21.67 -47.10
N SER C 39 -11.18 -20.50 -46.56
CA SER C 39 -9.90 -19.85 -46.76
C SER C 39 -9.09 -19.90 -45.48
N HIS C 40 -7.83 -20.32 -45.56
CA HIS C 40 -6.94 -20.37 -44.43
C HIS C 40 -5.51 -20.17 -44.92
N SER C 41 -4.59 -19.97 -43.98
CA SER C 41 -3.17 -19.88 -44.28
C SER C 41 -2.38 -20.51 -43.14
N ASP C 42 -1.35 -21.28 -43.50
CA ASP C 42 -0.50 -21.96 -42.53
C ASP C 42 -1.34 -22.82 -41.58
N LEU C 43 -1.98 -23.83 -42.19
CA LEU C 43 -2.92 -24.67 -41.45
C LEU C 43 -2.25 -25.35 -40.26
N THR C 44 -2.66 -24.96 -39.06
CA THR C 44 -2.21 -25.58 -37.83
C THR C 44 -3.35 -25.96 -36.91
N ASN C 45 -4.60 -25.74 -37.34
CA ASN C 45 -5.77 -26.06 -36.55
C ASN C 45 -6.74 -26.85 -37.42
N VAL C 46 -7.51 -27.74 -36.78
CA VAL C 46 -8.44 -28.58 -37.52
C VAL C 46 -9.55 -27.73 -38.12
N VAL C 47 -9.89 -28.03 -39.37
CA VAL C 47 -10.94 -27.32 -40.11
C VAL C 47 -12.02 -28.32 -40.49
N ASP C 48 -13.27 -27.95 -40.23
CA ASP C 48 -14.42 -28.80 -40.53
C ASP C 48 -15.29 -28.13 -41.59
N ALA C 49 -15.90 -28.96 -42.43
CA ALA C 49 -16.79 -28.47 -43.47
C ALA C 49 -17.79 -29.56 -43.82
N GLN C 50 -18.89 -29.15 -44.43
CA GLN C 50 -19.96 -30.06 -44.82
C GLN C 50 -20.36 -29.76 -46.26
N THR C 51 -20.95 -30.77 -46.91
CA THR C 51 -21.33 -30.66 -48.31
C THR C 51 -22.43 -29.63 -48.47
N VAL C 52 -22.10 -28.49 -49.06
CA VAL C 52 -23.05 -27.41 -49.33
C VAL C 52 -23.05 -27.11 -50.82
N GLY C 53 -24.23 -26.96 -51.39
CA GLY C 53 -24.35 -26.65 -52.80
C GLY C 53 -25.35 -25.55 -53.06
N THR C 54 -24.95 -24.54 -53.84
CA THR C 54 -25.74 -23.35 -54.17
C THR C 54 -26.62 -22.88 -53.00
N SER C 55 -27.94 -22.84 -53.21
CA SER C 55 -28.83 -22.20 -52.23
C SER C 55 -28.83 -22.93 -50.90
N GLY C 56 -29.06 -24.24 -50.90
CA GLY C 56 -29.31 -24.98 -49.68
C GLY C 56 -28.42 -26.19 -49.52
N ASN C 57 -28.38 -26.71 -48.30
CA ASN C 57 -27.57 -27.89 -48.01
C ASN C 57 -28.12 -29.12 -48.72
N ILE C 58 -27.21 -30.02 -49.11
CA ILE C 58 -27.61 -31.28 -49.74
C ILE C 58 -28.31 -32.15 -48.70
N GLN C 59 -29.45 -32.71 -49.07
CA GLN C 59 -30.24 -33.56 -48.19
C GLN C 59 -30.56 -34.87 -48.89
N ILE C 60 -31.05 -35.84 -48.13
CA ILE C 60 -31.31 -37.17 -48.64
C ILE C 60 -32.79 -37.35 -48.93
N GLN C 61 -33.61 -37.23 -47.88
CA GLN C 61 -35.06 -37.45 -47.97
C GLN C 61 -35.35 -38.85 -48.53
N CYS C 62 -34.86 -39.84 -47.80
CA CYS C 62 -34.95 -41.23 -48.23
C CYS C 62 -36.33 -41.79 -47.95
N SER C 63 -36.59 -42.98 -48.49
CA SER C 63 -37.88 -43.64 -48.33
C SER C 63 -37.87 -44.54 -47.10
N THR C 64 -39.08 -44.94 -46.68
CA THR C 64 -39.20 -45.84 -45.54
C THR C 64 -38.57 -47.18 -45.85
N GLY C 65 -37.93 -47.78 -44.85
CA GLY C 65 -37.18 -48.99 -45.07
C GLY C 65 -36.05 -48.75 -46.05
N LEU C 66 -35.75 -49.78 -46.84
CA LEU C 66 -34.79 -49.69 -47.94
C LEU C 66 -33.41 -49.24 -47.44
N THR C 67 -32.81 -50.10 -46.62
CA THR C 67 -31.47 -49.85 -46.07
C THR C 67 -30.49 -49.63 -47.21
N PRO C 68 -30.01 -48.40 -47.41
CA PRO C 68 -29.15 -48.11 -48.57
C PRO C 68 -27.68 -48.33 -48.27
N SER C 69 -26.83 -48.07 -49.26
CA SER C 69 -25.39 -48.19 -49.11
C SER C 69 -24.73 -46.99 -49.76
N LEU C 70 -23.77 -46.39 -49.07
CA LEU C 70 -23.03 -45.23 -49.56
C LEU C 70 -21.61 -45.64 -49.87
N THR C 71 -21.17 -45.37 -51.10
CA THR C 71 -19.81 -45.68 -51.54
C THR C 71 -19.18 -44.42 -52.09
N VAL C 72 -17.98 -44.09 -51.60
CA VAL C 72 -17.26 -42.89 -52.00
C VAL C 72 -15.96 -43.32 -52.67
N ASN C 73 -15.78 -42.93 -53.92
CA ASN C 73 -14.55 -43.24 -54.64
C ASN C 73 -13.41 -42.39 -54.13
N ALA C 74 -12.19 -42.89 -54.31
CA ALA C 74 -11.02 -42.11 -54.00
C ALA C 74 -10.87 -40.96 -55.00
N GLY C 75 -10.20 -39.89 -54.56
CA GLY C 75 -10.05 -38.73 -55.40
C GLY C 75 -9.14 -38.97 -56.58
N LEU C 76 -9.14 -38.00 -57.50
CA LEU C 76 -8.27 -38.11 -58.67
C LEU C 76 -6.81 -38.13 -58.26
N HIS C 77 -6.45 -37.36 -57.24
CA HIS C 77 -5.08 -37.29 -56.75
C HIS C 77 -5.04 -38.04 -55.42
N ALA C 78 -4.69 -39.32 -55.48
CA ALA C 78 -4.68 -40.17 -54.30
C ALA C 78 -3.38 -40.96 -54.24
N SER C 79 -2.97 -41.30 -53.02
CA SER C 79 -1.76 -42.09 -52.80
C SER C 79 -1.83 -42.71 -51.42
N GLY C 80 -1.68 -44.03 -51.35
CA GLY C 80 -1.70 -44.71 -50.07
C GLY C 80 -3.06 -44.82 -49.43
N GLY C 81 -4.14 -44.67 -50.21
CA GLY C 81 -5.48 -44.77 -49.67
C GLY C 81 -6.01 -43.52 -49.00
N GLN C 82 -5.25 -42.43 -49.03
CA GLN C 82 -5.68 -41.16 -48.45
C GLN C 82 -5.88 -40.14 -49.55
N ARG C 83 -7.07 -39.53 -49.58
CA ARG C 83 -7.39 -38.55 -50.61
C ARG C 83 -6.59 -37.26 -50.39
N TYR C 84 -6.21 -36.64 -51.50
CA TYR C 84 -5.33 -35.48 -51.49
C TYR C 84 -5.97 -34.33 -52.26
N MET C 85 -5.40 -33.14 -52.07
CA MET C 85 -5.76 -31.95 -52.82
C MET C 85 -4.51 -31.42 -53.51
N GLN C 86 -4.63 -31.06 -54.79
CA GLN C 86 -3.50 -30.58 -55.57
C GLN C 86 -3.80 -29.20 -56.13
N ASN C 87 -2.81 -28.32 -56.06
CA ASN C 87 -2.96 -26.96 -56.55
C ASN C 87 -3.08 -26.94 -58.07
N THR C 88 -3.84 -25.96 -58.57
CA THR C 88 -3.99 -25.78 -60.01
C THR C 88 -2.80 -25.07 -60.64
N THR C 89 -1.92 -24.48 -59.82
CA THR C 89 -0.75 -23.77 -60.34
C THR C 89 0.53 -24.59 -60.16
N THR C 90 0.82 -25.01 -58.93
CA THR C 90 2.00 -25.80 -58.63
C THR C 90 1.59 -27.24 -58.34
N THR C 91 2.21 -28.18 -59.04
CA THR C 91 1.87 -29.59 -58.89
C THR C 91 2.41 -30.21 -57.60
N SER C 92 3.46 -29.62 -57.01
CA SER C 92 4.09 -30.23 -55.84
C SER C 92 3.24 -30.06 -54.59
N SER C 93 2.65 -28.88 -54.39
CA SER C 93 1.91 -28.61 -53.17
C SER C 93 0.70 -29.53 -53.05
N THR C 94 0.48 -30.04 -51.83
CA THR C 94 -0.58 -31.01 -51.58
C THR C 94 -1.01 -30.92 -50.12
N ILE C 95 -2.32 -31.04 -49.89
CA ILE C 95 -2.90 -31.09 -48.55
C ILE C 95 -3.74 -32.36 -48.45
N ALA C 96 -3.50 -33.14 -47.41
CA ALA C 96 -4.30 -34.34 -47.16
C ALA C 96 -5.58 -33.98 -46.42
N TYR C 97 -6.60 -34.80 -46.59
CA TYR C 97 -7.87 -34.60 -45.90
C TYR C 97 -8.58 -35.93 -45.74
N ASN C 98 -9.52 -35.97 -44.80
CA ASN C 98 -10.31 -37.15 -44.52
C ASN C 98 -11.79 -36.84 -44.68
N ILE C 99 -12.60 -37.89 -44.71
CA ILE C 99 -14.05 -37.76 -44.87
C ILE C 99 -14.71 -38.74 -43.92
N TYR C 100 -15.86 -38.34 -43.37
CA TYR C 100 -16.56 -39.11 -42.36
C TYR C 100 -18.03 -39.21 -42.70
N SER C 101 -18.69 -40.24 -42.16
CA SER C 101 -20.08 -40.53 -42.45
C SER C 101 -21.04 -40.07 -41.35
N ASP C 102 -20.53 -39.36 -40.34
CA ASP C 102 -21.36 -38.88 -39.24
C ASP C 102 -20.93 -37.48 -38.83
N ALA C 103 -21.84 -36.78 -38.15
CA ALA C 103 -21.58 -35.39 -37.75
C ALA C 103 -20.43 -35.32 -36.77
N ALA C 104 -20.35 -36.28 -35.84
CA ALA C 104 -19.26 -36.29 -34.85
C ALA C 104 -17.90 -36.56 -35.47
N ARG C 105 -17.85 -36.97 -36.74
CA ARG C 105 -16.60 -37.27 -37.44
C ARG C 105 -15.80 -38.35 -36.69
N SER C 106 -16.51 -39.41 -36.30
CA SER C 106 -15.88 -40.54 -35.62
C SER C 106 -15.75 -41.77 -36.50
N ALA C 107 -16.64 -41.96 -37.47
CA ALA C 107 -16.60 -43.10 -38.37
C ALA C 107 -15.98 -42.67 -39.69
N LEU C 108 -14.83 -43.26 -40.04
CA LEU C 108 -14.13 -42.92 -41.26
C LEU C 108 -14.71 -43.69 -42.44
N ILE C 109 -14.70 -43.05 -43.61
CA ILE C 109 -15.16 -43.65 -44.85
C ILE C 109 -13.95 -44.07 -45.66
N GLN C 110 -13.86 -45.35 -45.97
CA GLN C 110 -12.74 -45.87 -46.74
C GLN C 110 -13.08 -45.89 -48.23
N ALA C 111 -12.04 -45.89 -49.05
CA ALA C 111 -12.22 -45.85 -50.50
C ALA C 111 -12.82 -47.16 -50.99
N ASN C 112 -13.85 -47.06 -51.82
CA ASN C 112 -14.50 -48.22 -52.44
C ASN C 112 -14.98 -49.21 -51.39
N THR C 113 -15.54 -48.71 -50.29
CA THR C 113 -16.09 -49.54 -49.23
C THR C 113 -17.49 -49.03 -48.92
N PRO C 114 -18.53 -49.85 -49.12
CA PRO C 114 -19.89 -49.40 -48.84
C PRO C 114 -20.10 -49.13 -47.36
N VAL C 115 -20.96 -48.15 -47.07
CA VAL C 115 -21.32 -47.78 -45.71
C VAL C 115 -22.83 -47.91 -45.57
N ASP C 116 -23.27 -48.64 -44.55
CA ASP C 116 -24.68 -48.92 -44.34
C ASP C 116 -25.28 -47.75 -43.55
N ILE C 117 -25.64 -46.70 -44.27
CA ILE C 117 -26.29 -45.52 -43.65
C ILE C 117 -27.79 -45.77 -43.70
N SER C 118 -28.28 -46.51 -42.70
CA SER C 118 -29.68 -46.87 -42.62
C SER C 118 -30.50 -45.93 -41.75
N SER C 119 -29.87 -44.93 -41.14
CA SER C 119 -30.56 -44.00 -40.26
C SER C 119 -31.15 -42.80 -41.00
N VAL C 120 -31.00 -42.74 -42.32
CA VAL C 120 -31.48 -41.60 -43.10
C VAL C 120 -32.86 -41.90 -43.66
N SER C 121 -33.48 -42.96 -43.18
CA SER C 121 -34.78 -43.39 -43.68
C SER C 121 -35.89 -42.54 -43.04
N THR C 122 -37.14 -42.96 -43.26
CA THR C 122 -38.33 -42.29 -42.73
C THR C 122 -38.41 -40.82 -43.16
N GLY C 123 -37.93 -40.55 -44.37
CA GLY C 123 -38.04 -39.20 -44.93
C GLY C 123 -37.34 -38.17 -44.07
N THR C 124 -38.07 -37.10 -43.77
CA THR C 124 -37.67 -36.03 -42.85
C THR C 124 -36.61 -35.15 -43.49
N ALA C 125 -36.11 -35.55 -44.66
CA ALA C 125 -35.11 -34.80 -45.42
C ALA C 125 -33.88 -34.49 -44.56
N VAL C 126 -33.25 -35.55 -44.08
CA VAL C 126 -32.06 -35.41 -43.25
C VAL C 126 -30.87 -35.02 -44.11
N ASN C 127 -29.89 -34.36 -43.50
CA ASN C 127 -28.69 -33.96 -44.22
C ASN C 127 -27.91 -35.19 -44.68
N ILE C 128 -27.26 -35.06 -45.83
CA ILE C 128 -26.52 -36.19 -46.40
C ILE C 128 -25.32 -36.51 -45.52
N PRO C 129 -25.08 -37.78 -45.18
CA PRO C 129 -23.93 -38.17 -44.33
C PRO C 129 -22.60 -38.11 -45.07
N LEU C 130 -22.05 -36.89 -45.16
CA LEU C 130 -20.76 -36.69 -45.81
C LEU C 130 -20.12 -35.45 -45.20
N TYR C 131 -19.17 -35.66 -44.30
CA TYR C 131 -18.48 -34.57 -43.61
C TYR C 131 -16.98 -34.75 -43.76
N GLY C 132 -16.28 -33.65 -43.98
CA GLY C 132 -14.83 -33.66 -44.16
C GLY C 132 -14.13 -32.91 -43.05
N ARG C 133 -12.89 -33.30 -42.78
CA ARG C 133 -12.06 -32.67 -41.76
C ARG C 133 -10.61 -32.69 -42.20
N VAL C 134 -9.91 -31.58 -41.98
CA VAL C 134 -8.49 -31.46 -42.28
C VAL C 134 -7.75 -31.33 -40.96
N VAL C 135 -6.86 -32.28 -40.70
CA VAL C 135 -6.09 -32.33 -39.45
C VAL C 135 -4.64 -31.96 -39.77
N PRO C 136 -4.02 -31.02 -39.04
CA PRO C 136 -2.66 -30.56 -39.35
C PRO C 136 -1.57 -31.50 -38.84
N THR C 137 -1.71 -32.79 -39.13
CA THR C 137 -0.68 -33.77 -38.85
C THR C 137 -0.37 -34.54 -40.12
N GLY C 138 0.91 -34.77 -40.37
CA GLY C 138 1.31 -35.42 -41.61
C GLY C 138 0.95 -34.65 -42.86
N GLN C 139 0.74 -33.34 -42.74
CA GLN C 139 0.36 -32.51 -43.88
C GLN C 139 1.58 -31.98 -44.61
N SER C 140 2.52 -32.87 -44.94
CA SER C 140 3.81 -32.50 -45.52
C SER C 140 4.42 -31.40 -44.66
N THR C 141 4.83 -30.27 -45.22
CA THR C 141 5.23 -29.14 -44.39
C THR C 141 4.00 -28.44 -43.81
N PRO C 142 4.09 -27.94 -42.58
CA PRO C 142 2.93 -27.28 -41.97
C PRO C 142 2.39 -26.11 -42.77
N THR C 143 3.25 -25.33 -43.42
CA THR C 143 2.82 -24.16 -44.18
C THR C 143 2.92 -24.43 -45.67
N PRO C 144 1.82 -24.44 -46.41
CA PRO C 144 1.89 -24.66 -47.86
C PRO C 144 2.00 -23.35 -48.63
N THR C 145 2.09 -23.43 -49.95
CA THR C 145 2.15 -22.25 -50.79
C THR C 145 0.72 -21.75 -51.05
N ALA C 146 0.60 -20.74 -51.91
CA ALA C 146 -0.69 -20.14 -52.22
C ALA C 146 -1.31 -20.79 -53.46
N GLY C 147 -2.63 -20.79 -53.50
CA GLY C 147 -3.35 -21.35 -54.63
C GLY C 147 -4.78 -21.68 -54.25
N THR C 148 -5.44 -22.40 -55.15
CA THR C 148 -6.82 -22.84 -54.97
C THR C 148 -6.85 -24.35 -55.18
N TYR C 149 -6.59 -25.11 -54.11
CA TYR C 149 -6.54 -26.55 -54.21
C TYR C 149 -7.94 -27.12 -54.46
N THR C 150 -8.02 -28.11 -55.33
CA THR C 150 -9.29 -28.69 -55.72
C THR C 150 -9.17 -30.20 -55.84
N ASP C 151 -10.31 -30.86 -55.76
CA ASP C 151 -10.41 -32.32 -55.90
C ASP C 151 -11.87 -32.66 -56.12
N THR C 152 -12.10 -33.79 -56.79
CA THR C 152 -13.46 -34.26 -57.08
C THR C 152 -13.58 -35.72 -56.67
N LEU C 153 -14.75 -36.07 -56.13
CA LEU C 153 -15.06 -37.41 -55.69
C LEU C 153 -16.09 -38.05 -56.63
N LEU C 154 -16.56 -39.24 -56.26
CA LEU C 154 -17.62 -39.93 -57.00
C LEU C 154 -18.47 -40.69 -55.99
N VAL C 155 -19.63 -40.14 -55.67
CA VAL C 155 -20.50 -40.67 -54.62
C VAL C 155 -21.58 -41.51 -55.27
N THR C 156 -21.72 -42.76 -54.80
CA THR C 156 -22.69 -43.71 -55.32
C THR C 156 -23.62 -44.14 -54.20
N ILE C 157 -24.92 -44.06 -54.44
CA ILE C 157 -25.94 -44.52 -53.50
C ILE C 157 -26.62 -45.73 -54.13
N ALA C 158 -26.49 -46.89 -53.48
CA ALA C 158 -27.09 -48.13 -53.93
C ALA C 158 -28.05 -48.63 -52.86
N TRP C 159 -29.20 -49.13 -53.27
CA TRP C 159 -30.21 -49.59 -52.33
C TRP C 159 -31.20 -50.55 -52.98
N ALA D 1 1.67 -18.14 -8.65
CA ALA D 1 0.47 -18.88 -8.29
C ALA D 1 -0.68 -17.94 -7.95
N GLY D 2 -0.37 -16.65 -7.88
CA GLY D 2 -1.38 -15.66 -7.56
C GLY D 2 -0.84 -14.27 -7.81
N THR D 3 -1.77 -13.32 -7.91
CA THR D 3 -1.43 -11.92 -8.16
C THR D 3 -2.62 -11.05 -7.81
N LEU D 4 -2.39 -10.01 -7.01
CA LEU D 4 -3.42 -9.06 -6.63
C LEU D 4 -2.96 -7.66 -6.99
N ILE D 5 -3.88 -6.85 -7.49
CA ILE D 5 -3.59 -5.50 -7.95
C ILE D 5 -4.46 -4.52 -7.18
N GLY D 6 -3.85 -3.47 -6.65
CA GLY D 6 -4.58 -2.45 -5.93
C GLY D 6 -3.78 -1.17 -5.82
N GLN D 7 -4.49 -0.08 -5.55
CA GLN D 7 -3.89 1.23 -5.37
C GLN D 7 -4.13 1.71 -3.95
N VAL D 8 -3.13 2.34 -3.36
CA VAL D 8 -3.21 2.80 -1.98
C VAL D 8 -3.69 4.25 -1.95
N GLY D 9 -2.91 5.15 -2.53
CA GLY D 9 -3.23 6.56 -2.48
C GLY D 9 -2.67 7.25 -1.25
N VAL D 10 -1.92 8.32 -1.45
CA VAL D 10 -1.27 9.05 -0.37
C VAL D 10 -1.81 10.48 -0.37
N GLN D 11 -2.21 10.96 0.81
CA GLN D 11 -2.78 12.29 0.95
C GLN D 11 -2.13 13.02 2.11
N MET D 12 -1.72 14.26 1.87
CA MET D 12 -1.22 15.15 2.92
C MET D 12 -1.80 16.53 2.70
N VAL D 13 -2.16 17.20 3.79
CA VAL D 13 -2.82 18.50 3.74
C VAL D 13 -2.00 19.52 4.50
N ILE D 14 -1.81 20.69 3.91
CA ILE D 14 -1.13 21.81 4.55
C ILE D 14 -2.20 22.82 4.97
N GLY D 15 -2.08 23.33 6.19
CA GLY D 15 -3.14 24.14 6.77
C GLY D 15 -2.86 24.39 8.24
N ALA D 16 -3.83 24.05 9.09
CA ALA D 16 -3.64 24.12 10.54
C ALA D 16 -2.31 23.48 10.92
N GLY D 17 -1.48 24.24 11.63
CA GLY D 17 -0.11 23.85 11.87
C GLY D 17 0.15 23.24 13.24
N CYS D 18 0.59 24.06 14.18
CA CYS D 18 0.95 23.63 15.53
C CYS D 18 2.13 22.65 15.48
N THR D 19 3.24 23.14 14.95
CA THR D 19 4.47 22.38 14.77
C THR D 19 5.61 23.04 15.52
N ILE D 20 6.51 22.21 16.06
CA ILE D 20 7.59 22.72 16.91
C ILE D 20 8.59 23.52 16.08
N ILE D 21 9.29 24.43 16.74
CA ILE D 21 10.30 25.28 16.11
C ILE D 21 11.58 25.19 16.94
N ASN D 22 12.70 25.54 16.29
CA ASN D 22 14.02 25.53 16.92
C ASN D 22 14.47 24.11 17.28
N GLY D 23 14.04 23.13 16.50
CA GLY D 23 14.45 21.75 16.74
C GLY D 23 15.12 21.13 15.54
N SER D 24 16.40 20.78 15.68
CA SER D 24 17.16 20.18 14.59
C SER D 24 16.80 18.71 14.42
N VAL D 25 16.94 18.23 13.19
CA VAL D 25 16.72 16.83 12.85
C VAL D 25 17.97 16.30 12.17
N SER D 26 18.43 15.13 12.61
CA SER D 26 19.65 14.53 12.08
C SER D 26 19.35 13.42 11.07
N GLY D 27 18.63 12.40 11.49
CA GLY D 27 18.31 11.28 10.63
C GLY D 27 16.87 10.81 10.76
N GLY D 28 15.96 11.75 11.01
CA GLY D 28 14.60 11.40 11.35
C GLY D 28 14.36 11.22 12.84
N ILE D 29 15.37 11.40 13.67
CA ILE D 29 15.20 11.31 15.11
C ILE D 29 14.33 12.46 15.61
N ASN D 30 14.44 13.64 15.01
CA ASN D 30 13.66 14.82 15.36
C ASN D 30 13.93 15.24 16.81
N GLN D 31 15.18 15.58 17.08
CA GLN D 31 15.59 16.04 18.40
C GLN D 31 14.98 17.41 18.70
N TRP D 32 14.72 17.65 19.99
CA TRP D 32 14.01 18.85 20.44
C TRP D 32 14.73 19.50 21.61
N GLY D 33 16.04 19.67 21.48
CA GLY D 33 16.80 20.36 22.50
C GLY D 33 17.37 19.47 23.59
N THR D 34 17.54 20.02 24.78
CA THR D 34 18.09 19.28 25.92
C THR D 34 17.65 19.95 27.21
N LEU D 35 17.38 19.15 28.24
CA LEU D 35 17.07 19.65 29.57
C LEU D 35 18.38 19.72 30.36
N ASP D 36 19.10 20.83 30.18
CA ASP D 36 20.41 21.01 30.81
C ASP D 36 20.21 21.58 32.20
N PHE D 37 20.43 20.74 33.22
CA PHE D 37 20.30 21.19 34.60
C PHE D 37 21.51 22.01 35.06
N GLY D 38 22.70 21.70 34.54
CA GLY D 38 23.90 22.42 34.89
C GLY D 38 24.87 21.58 35.69
N SER D 39 25.82 22.26 36.32
CA SER D 39 26.87 21.62 37.11
C SER D 39 26.64 21.93 38.58
N HIS D 40 26.70 20.89 39.41
CA HIS D 40 26.56 21.02 40.86
C HIS D 40 27.35 19.91 41.53
N SER D 41 27.50 20.04 42.85
CA SER D 41 28.12 18.99 43.65
C SER D 41 27.42 18.93 45.01
N ASP D 42 27.19 17.71 45.49
CA ASP D 42 26.52 17.47 46.77
C ASP D 42 25.18 18.20 46.81
N LEU D 43 24.29 17.75 45.91
CA LEU D 43 23.00 18.40 45.74
C LEU D 43 22.21 18.41 47.05
N THR D 44 22.00 19.61 47.59
CA THR D 44 21.18 19.81 48.78
C THR D 44 20.17 20.94 48.59
N ASN D 45 20.11 21.54 47.40
CA ASN D 45 19.18 22.61 47.10
C ASN D 45 18.48 22.30 45.78
N VAL D 46 17.24 22.77 45.68
CA VAL D 46 16.44 22.50 44.48
C VAL D 46 17.05 23.20 43.27
N VAL D 47 17.11 22.48 42.15
CA VAL D 47 17.65 23.00 40.91
C VAL D 47 16.57 22.97 39.85
N ASP D 48 16.41 24.08 39.14
CA ASP D 48 15.40 24.21 38.09
C ASP D 48 16.08 24.39 36.74
N ALA D 49 15.44 23.86 35.71
CA ALA D 49 15.94 23.98 34.34
C ALA D 49 14.77 23.88 33.38
N GLN D 50 15.00 24.37 32.16
CA GLN D 50 13.99 24.36 31.11
C GLN D 50 14.62 23.85 29.82
N THR D 51 13.76 23.33 28.94
CA THR D 51 14.22 22.73 27.69
C THR D 51 14.84 23.80 26.80
N VAL D 52 16.16 23.76 26.64
CA VAL D 52 16.89 24.68 25.79
C VAL D 52 17.68 23.88 24.76
N GLY D 53 17.64 24.32 23.51
CA GLY D 53 18.35 23.66 22.45
C GLY D 53 19.10 24.62 21.56
N THR D 54 20.38 24.35 21.32
CA THR D 54 21.30 25.19 20.55
C THR D 54 21.04 26.69 20.73
N SER D 55 20.73 27.40 19.65
CA SER D 55 20.68 28.86 19.70
C SER D 55 19.58 29.37 20.63
N GLY D 56 18.34 28.90 20.43
CA GLY D 56 17.19 29.48 21.10
C GLY D 56 16.35 28.46 21.83
N ASN D 57 15.48 28.96 22.70
CA ASN D 57 14.60 28.09 23.47
C ASN D 57 13.58 27.41 22.56
N ILE D 58 13.20 26.19 22.93
CA ILE D 58 12.18 25.46 22.19
C ILE D 58 10.83 26.13 22.40
N GLN D 59 10.10 26.35 21.31
CA GLN D 59 8.80 27.01 21.35
C GLN D 59 7.79 26.14 20.61
N ILE D 60 6.51 26.48 20.79
CA ILE D 60 5.42 25.70 20.23
C ILE D 60 4.89 26.36 18.96
N GLN D 61 4.38 27.59 19.09
CA GLN D 61 3.75 28.33 18.00
C GLN D 61 2.61 27.49 17.38
N CYS D 62 1.64 27.20 18.23
CA CYS D 62 0.54 26.33 17.84
C CYS D 62 -0.49 27.11 17.03
N SER D 63 -1.45 26.38 16.47
CA SER D 63 -2.49 26.97 15.64
C SER D 63 -3.70 27.33 16.49
N THR D 64 -4.59 28.15 15.91
CA THR D 64 -5.80 28.53 16.60
C THR D 64 -6.69 27.31 16.83
N GLY D 65 -7.36 27.28 17.98
CA GLY D 65 -8.12 26.10 18.34
C GLY D 65 -7.21 24.89 18.48
N LEU D 66 -7.76 23.73 18.12
CA LEU D 66 -7.00 22.48 18.05
C LEU D 66 -6.34 22.15 19.39
N THR D 67 -7.19 21.89 20.38
CA THR D 67 -6.73 21.52 21.72
C THR D 67 -5.83 20.29 21.64
N PRO D 68 -4.53 20.45 21.86
CA PRO D 68 -3.61 19.31 21.68
C PRO D 68 -3.44 18.48 22.93
N SER D 69 -2.60 17.45 22.84
CA SER D 69 -2.29 16.60 23.99
C SER D 69 -0.80 16.33 24.02
N LEU D 70 -0.22 16.45 25.20
CA LEU D 70 1.21 16.22 25.40
C LEU D 70 1.41 14.96 26.21
N THR D 71 2.21 14.03 25.67
CA THR D 71 2.51 12.77 26.32
C THR D 71 4.02 12.62 26.41
N VAL D 72 4.52 12.33 27.61
CA VAL D 72 5.94 12.18 27.87
C VAL D 72 6.20 10.76 28.33
N ASN D 73 7.03 10.04 27.59
CA ASN D 73 7.40 8.68 27.96
C ASN D 73 8.34 8.69 29.15
N ALA D 74 8.33 7.58 29.90
CA ALA D 74 9.30 7.41 30.96
C ALA D 74 10.70 7.23 30.39
N GLY D 75 11.70 7.58 31.18
CA GLY D 75 13.06 7.51 30.72
C GLY D 75 13.54 6.08 30.55
N LEU D 76 14.71 5.95 29.92
CA LEU D 76 15.30 4.62 29.72
C LEU D 76 15.61 3.96 31.06
N HIS D 77 16.05 4.74 32.03
CA HIS D 77 16.38 4.23 33.37
C HIS D 77 15.27 4.70 34.31
N ALA D 78 14.27 3.85 34.51
CA ALA D 78 13.11 4.19 35.32
C ALA D 78 12.80 3.05 36.29
N SER D 79 12.22 3.40 37.43
CA SER D 79 11.83 2.42 38.43
C SER D 79 10.78 3.05 39.33
N GLY D 80 9.64 2.38 39.48
CA GLY D 80 8.59 2.89 40.34
C GLY D 80 7.84 4.09 39.82
N GLY D 81 7.91 4.33 38.50
CA GLY D 81 7.21 5.46 37.91
C GLY D 81 7.91 6.78 38.03
N GLN D 82 9.14 6.82 38.55
CA GLN D 82 9.92 8.04 38.67
C GLN D 82 11.14 7.95 37.77
N ARG D 83 11.31 8.95 36.91
CA ARG D 83 12.43 8.96 35.97
C ARG D 83 13.74 9.19 36.72
N TYR D 84 14.80 8.55 36.22
CA TYR D 84 16.10 8.54 36.87
C TYR D 84 17.19 8.99 35.90
N MET D 85 18.34 9.31 36.45
CA MET D 85 19.55 9.62 35.68
C MET D 85 20.65 8.64 36.11
N GLN D 86 21.36 8.09 35.14
CA GLN D 86 22.41 7.12 35.41
C GLN D 86 23.72 7.58 34.81
N ASN D 87 24.80 7.43 35.59
CA ASN D 87 26.12 7.85 35.17
C ASN D 87 26.62 6.98 34.01
N THR D 88 27.41 7.59 33.14
CA THR D 88 28.02 6.87 32.03
C THR D 88 29.24 6.05 32.45
N THR D 89 29.77 6.30 33.65
CA THR D 89 30.93 5.57 34.15
C THR D 89 30.56 4.51 35.17
N THR D 90 29.86 4.91 36.24
CA THR D 90 29.42 3.99 37.28
C THR D 90 27.92 3.76 37.17
N THR D 91 27.52 2.49 37.12
CA THR D 91 26.11 2.15 36.97
C THR D 91 25.30 2.33 38.24
N SER D 92 25.95 2.33 39.40
CA SER D 92 25.22 2.39 40.66
C SER D 92 24.66 3.79 40.93
N SER D 93 25.45 4.83 40.66
CA SER D 93 25.04 6.19 40.98
C SER D 93 23.80 6.58 40.19
N THR D 94 22.87 7.26 40.87
CA THR D 94 21.59 7.62 40.28
C THR D 94 21.04 8.84 40.98
N ILE D 95 20.44 9.75 40.20
CA ILE D 95 19.75 10.93 40.72
C ILE D 95 18.33 10.94 40.18
N ALA D 96 17.35 11.07 41.06
CA ALA D 96 15.96 11.16 40.65
C ALA D 96 15.61 12.60 40.26
N TYR D 97 14.62 12.74 39.39
CA TYR D 97 14.17 14.05 38.97
C TYR D 97 12.70 13.98 38.56
N ASN D 98 12.06 15.13 38.53
CA ASN D 98 10.66 15.25 38.14
C ASN D 98 10.54 16.22 36.98
N ILE D 99 9.36 16.21 36.35
CA ILE D 99 9.07 17.06 35.21
C ILE D 99 7.66 17.63 35.38
N TYR D 100 7.47 18.88 34.95
CA TYR D 100 6.22 19.59 35.15
C TYR D 100 5.78 20.25 33.85
N SER D 101 4.47 20.50 33.74
CA SER D 101 3.87 21.06 32.54
C SER D 101 3.60 22.56 32.64
N ASP D 102 4.05 23.21 33.71
CA ASP D 102 3.83 24.64 33.87
C ASP D 102 5.07 25.29 34.50
N ALA D 103 5.18 26.60 34.32
CA ALA D 103 6.34 27.34 34.81
C ALA D 103 6.44 27.28 36.33
N ALA D 104 5.30 27.37 37.02
CA ALA D 104 5.28 27.31 38.47
C ALA D 104 5.70 25.95 39.01
N ARG D 105 5.78 24.93 38.16
CA ARG D 105 6.15 23.57 38.57
C ARG D 105 5.20 23.04 39.64
N SER D 106 3.90 23.23 39.40
CA SER D 106 2.86 22.75 40.31
C SER D 106 2.11 21.54 39.78
N ALA D 107 2.00 21.39 38.46
CA ALA D 107 1.31 20.27 37.84
C ALA D 107 2.34 19.25 37.38
N LEU D 108 2.28 18.05 37.94
CA LEU D 108 3.23 17.00 37.60
C LEU D 108 2.78 16.25 36.35
N ILE D 109 3.74 15.81 35.56
CA ILE D 109 3.49 15.04 34.35
C ILE D 109 3.78 13.58 34.65
N GLN D 110 2.78 12.72 34.48
CA GLN D 110 2.94 11.30 34.73
C GLN D 110 3.33 10.57 33.45
N ALA D 111 3.94 9.40 33.63
CA ALA D 111 4.41 8.62 32.50
C ALA D 111 3.22 8.08 31.70
N ASN D 112 3.27 8.24 30.38
CA ASN D 112 2.25 7.72 29.47
C ASN D 112 0.85 8.23 29.84
N THR D 113 0.76 9.50 30.21
CA THR D 113 -0.51 10.12 30.55
C THR D 113 -0.62 11.42 29.77
N PRO D 114 -1.60 11.56 28.88
CA PRO D 114 -1.72 12.79 28.10
C PRO D 114 -2.05 13.98 28.99
N VAL D 115 -1.56 15.14 28.59
CA VAL D 115 -1.81 16.40 29.28
C VAL D 115 -2.45 17.36 28.30
N ASP D 116 -3.59 17.94 28.68
CA ASP D 116 -4.35 18.83 27.81
C ASP D 116 -3.78 20.24 27.95
N ILE D 117 -2.71 20.50 27.22
CA ILE D 117 -2.09 21.84 27.19
C ILE D 117 -2.77 22.63 26.08
N SER D 118 -3.92 23.21 26.41
CA SER D 118 -4.71 23.97 25.45
C SER D 118 -4.44 25.46 25.49
N SER D 119 -3.56 25.92 26.38
CA SER D 119 -3.26 27.34 26.51
C SER D 119 -2.13 27.80 25.58
N VAL D 120 -1.57 26.90 24.78
CA VAL D 120 -0.45 27.23 23.91
C VAL D 120 -0.96 27.61 22.52
N SER D 121 -2.26 27.80 22.40
CA SER D 121 -2.88 28.10 21.11
C SER D 121 -2.70 29.58 20.77
N THR D 122 -3.39 30.02 19.71
CA THR D 122 -3.35 31.41 19.24
C THR D 122 -1.93 31.86 18.90
N GLY D 123 -1.12 30.93 18.41
CA GLY D 123 0.23 31.28 17.96
C GLY D 123 1.06 31.86 19.07
N THR D 124 1.68 33.01 18.77
CA THR D 124 2.44 33.84 19.71
C THR D 124 3.78 33.18 20.04
N ALA D 125 3.98 31.95 19.58
CA ALA D 125 5.22 31.20 19.78
C ALA D 125 5.59 31.13 21.26
N VAL D 126 4.68 30.53 22.04
CA VAL D 126 4.90 30.39 23.46
C VAL D 126 5.91 29.28 23.72
N ASN D 127 6.61 29.37 24.86
CA ASN D 127 7.58 28.36 25.22
C ASN D 127 6.90 27.01 25.44
N ILE D 128 7.60 25.93 25.11
CA ILE D 128 7.04 24.59 25.23
C ILE D 128 6.82 24.26 26.70
N PRO D 129 5.67 23.72 27.08
CA PRO D 129 5.40 23.37 28.49
C PRO D 129 6.13 22.11 28.94
N LEU D 130 7.40 22.28 29.29
CA LEU D 130 8.21 21.15 29.76
C LEU D 130 9.30 21.71 30.66
N TYR D 131 9.11 21.59 31.97
CA TYR D 131 10.05 22.12 32.96
C TYR D 131 10.43 21.00 33.92
N GLY D 132 11.70 20.93 34.29
CA GLY D 132 12.20 19.90 35.20
C GLY D 132 12.71 20.52 36.49
N ARG D 133 12.66 19.74 37.56
CA ARG D 133 13.13 20.17 38.87
C ARG D 133 13.72 18.98 39.61
N VAL D 134 14.85 19.20 40.28
CA VAL D 134 15.51 18.18 41.09
C VAL D 134 15.40 18.61 42.54
N VAL D 135 14.76 17.78 43.35
CA VAL D 135 14.54 18.07 44.77
C VAL D 135 15.43 17.14 45.58
N PRO D 136 16.20 17.66 46.55
CA PRO D 136 17.14 16.83 47.32
C PRO D 136 16.49 16.02 48.45
N THR D 137 15.39 15.35 48.13
CA THR D 137 14.76 14.42 49.06
C THR D 137 14.61 13.06 48.37
N GLY D 138 14.90 12.00 49.12
CA GLY D 138 14.87 10.68 48.53
C GLY D 138 15.87 10.47 47.41
N GLN D 139 16.92 11.28 47.35
CA GLN D 139 17.93 11.19 46.30
C GLN D 139 19.03 10.22 46.67
N SER D 140 18.65 9.01 47.11
CA SER D 140 19.58 8.01 47.63
C SER D 140 20.46 8.69 48.69
N THR D 141 21.78 8.61 48.60
CA THR D 141 22.62 9.40 49.48
C THR D 141 22.65 10.85 49.02
N PRO D 142 22.71 11.81 49.95
CA PRO D 142 22.71 13.23 49.54
C PRO D 142 23.86 13.61 48.62
N THR D 143 25.03 13.01 48.79
CA THR D 143 26.19 13.36 47.96
C THR D 143 26.50 12.22 47.00
N PRO D 144 26.39 12.44 45.69
CA PRO D 144 26.71 11.38 44.73
C PRO D 144 28.18 11.44 44.28
N THR D 145 28.58 10.50 43.42
CA THR D 145 29.94 10.49 42.90
C THR D 145 30.02 11.45 41.71
N ALA D 146 31.16 11.46 41.03
CA ALA D 146 31.40 12.34 39.90
C ALA D 146 31.04 11.64 38.59
N GLY D 147 30.64 12.44 37.61
CA GLY D 147 30.31 11.91 36.30
C GLY D 147 29.43 12.88 35.54
N THR D 148 28.89 12.40 34.42
CA THR D 148 28.00 13.16 33.55
C THR D 148 26.73 12.34 33.37
N TYR D 149 25.79 12.50 34.28
CA TYR D 149 24.55 11.74 34.23
C TYR D 149 23.69 12.19 33.05
N THR D 150 23.08 11.22 32.37
CA THR D 150 22.31 11.50 31.18
C THR D 150 21.04 10.65 31.16
N ASP D 151 20.07 11.10 30.38
CA ASP D 151 18.81 10.40 30.20
C ASP D 151 18.11 11.00 28.99
N THR D 152 17.27 10.21 28.35
CA THR D 152 16.52 10.65 27.17
C THR D 152 15.05 10.31 27.34
N LEU D 153 14.19 11.20 26.88
CA LEU D 153 12.74 11.05 26.95
C LEU D 153 12.19 10.80 25.55
N LEU D 154 10.86 10.77 25.45
CA LEU D 154 10.17 10.64 24.17
C LEU D 154 8.88 11.45 24.26
N VAL D 155 8.89 12.64 23.65
CA VAL D 155 7.78 13.58 23.76
C VAL D 155 6.91 13.45 22.52
N THR D 156 5.61 13.26 22.72
CA THR D 156 4.65 13.10 21.65
C THR D 156 3.58 14.18 21.76
N ILE D 157 3.33 14.87 20.66
CA ILE D 157 2.27 15.89 20.58
C ILE D 157 1.20 15.35 19.64
N ALA D 158 0.00 15.13 20.18
CA ALA D 158 -1.13 14.65 19.41
C ALA D 158 -2.25 15.69 19.47
N TRP D 159 -2.92 15.91 18.33
CA TRP D 159 -3.96 16.92 18.27
C TRP D 159 -4.91 16.67 17.10
N ALA E 1 -5.53 14.68 13.94
CA ALA E 1 -5.28 15.38 12.68
C ALA E 1 -3.79 15.59 12.46
N GLY E 2 -3.00 15.26 13.47
CA GLY E 2 -1.56 15.41 13.38
C GLY E 2 -0.87 14.72 14.54
N THR E 3 0.42 14.49 14.36
CA THR E 3 1.22 13.81 15.38
C THR E 3 2.70 14.05 15.08
N LEU E 4 3.43 14.50 16.09
CA LEU E 4 4.87 14.73 15.97
C LEU E 4 5.59 13.94 17.06
N ILE E 5 6.72 13.35 16.69
CA ILE E 5 7.50 12.49 17.58
C ILE E 5 8.90 13.07 17.71
N GLY E 6 9.38 13.20 18.94
CA GLY E 6 10.72 13.69 19.19
C GLY E 6 11.18 13.34 20.57
N GLN E 7 12.50 13.38 20.75
CA GLN E 7 13.14 13.11 22.04
C GLN E 7 13.86 14.36 22.52
N VAL E 8 13.77 14.62 23.83
CA VAL E 8 14.36 15.81 24.41
C VAL E 8 15.77 15.51 24.91
N GLY E 9 15.88 14.59 25.87
CA GLY E 9 17.16 14.30 26.47
C GLY E 9 17.49 15.20 27.63
N VAL E 10 17.80 14.62 28.79
CA VAL E 10 18.09 15.36 30.01
C VAL E 10 19.51 15.04 30.44
N GLN E 11 20.28 16.07 30.74
CA GLN E 11 21.67 15.90 31.14
C GLN E 11 21.97 16.72 32.37
N MET E 12 22.62 16.09 33.35
CA MET E 12 23.11 16.77 34.54
C MET E 12 24.51 16.26 34.85
N VAL E 13 25.39 17.15 35.29
CA VAL E 13 26.79 16.83 35.53
C VAL E 13 27.15 17.18 36.96
N ILE E 14 27.84 16.25 37.63
CA ILE E 14 28.34 16.46 38.98
C ILE E 14 29.84 16.71 38.89
N GLY E 15 30.32 17.72 39.61
CA GLY E 15 31.68 18.19 39.44
C GLY E 15 31.91 19.47 40.21
N ALA E 16 32.38 20.50 39.51
CA ALA E 16 32.50 21.83 40.09
C ALA E 16 31.22 22.21 40.82
N GLY E 17 31.37 22.57 42.10
CA GLY E 17 30.23 22.73 42.99
C GLY E 17 29.79 24.17 43.19
N CYS E 18 30.27 24.78 44.27
CA CYS E 18 29.88 26.14 44.66
C CYS E 18 28.38 26.21 44.96
N THR E 19 27.97 25.42 45.95
CA THR E 19 26.58 25.32 46.37
C THR E 19 26.46 25.70 47.84
N ILE E 20 25.34 26.33 48.19
CA ILE E 20 25.14 26.86 49.54
C ILE E 20 25.00 25.71 50.54
N ILE E 21 25.33 26.00 51.80
CA ILE E 21 25.25 25.03 52.89
C ILE E 21 24.47 25.68 54.04
N ASN E 22 23.94 24.83 54.92
CA ASN E 22 23.17 25.25 56.09
C ASN E 22 21.87 25.94 55.70
N GLY E 23 21.29 25.53 54.57
CA GLY E 23 20.02 26.09 54.13
C GLY E 23 18.95 25.03 53.94
N SER E 24 17.89 25.10 54.75
CA SER E 24 16.82 24.13 54.67
C SER E 24 15.90 24.42 53.49
N VAL E 25 15.27 23.37 52.98
CA VAL E 25 14.31 23.47 51.89
C VAL E 25 13.01 22.80 52.34
N SER E 26 11.89 23.50 52.13
CA SER E 26 10.58 22.99 52.55
C SER E 26 9.81 22.38 51.39
N GLY E 27 9.55 23.16 50.35
CA GLY E 27 8.78 22.69 49.21
C GLY E 27 9.36 23.13 47.89
N GLY E 28 10.69 23.23 47.81
CA GLY E 28 11.33 23.83 46.67
C GLY E 28 11.57 25.31 46.78
N ILE E 29 11.16 25.93 47.89
CA ILE E 29 11.40 27.35 48.10
C ILE E 29 12.89 27.62 48.25
N ASN E 30 13.63 26.69 48.88
CA ASN E 30 15.07 26.81 49.07
C ASN E 30 15.42 28.03 49.92
N GLN E 31 14.91 28.03 51.15
CA GLN E 31 15.19 29.11 52.08
C GLN E 31 16.65 29.09 52.51
N TRP E 32 17.18 30.28 52.82
CA TRP E 32 18.60 30.47 53.11
C TRP E 32 18.78 31.31 54.36
N GLY E 33 18.06 30.98 55.42
CA GLY E 33 18.25 31.66 56.70
C GLY E 33 17.36 32.86 56.90
N THR E 34 17.83 33.83 57.68
CA THR E 34 17.07 35.05 57.97
C THR E 34 18.03 36.14 58.39
N LEU E 35 17.73 37.38 57.99
CA LEU E 35 18.50 38.55 58.41
C LEU E 35 17.82 39.11 59.67
N ASP E 36 18.17 38.54 60.82
CA ASP E 36 17.57 38.91 62.09
C ASP E 36 18.32 40.11 62.67
N PHE E 37 17.69 41.29 62.61
CA PHE E 37 18.28 42.49 63.16
C PHE E 37 18.20 42.53 64.69
N GLY E 38 17.15 41.98 65.26
CA GLY E 38 16.97 41.96 66.70
C GLY E 38 15.82 42.84 67.16
N SER E 39 15.81 43.12 68.46
CA SER E 39 14.78 43.92 69.10
C SER E 39 15.35 45.27 69.51
N HIS E 40 14.64 46.34 69.17
CA HIS E 40 15.03 47.69 69.53
C HIS E 40 13.78 48.54 69.67
N SER E 41 13.95 49.74 70.21
CA SER E 41 12.88 50.72 70.30
C SER E 41 13.45 52.11 70.10
N ASP E 42 12.75 52.94 69.34
CA ASP E 42 13.16 54.32 69.04
C ASP E 42 14.57 54.32 68.46
N LEU E 43 14.68 53.71 67.27
CA LEU E 43 15.98 53.53 66.63
C LEU E 43 16.67 54.87 66.39
N THR E 44 17.78 55.08 67.10
CA THR E 44 18.62 56.25 66.91
C THR E 44 20.09 55.89 66.76
N ASN E 45 20.42 54.60 66.74
CA ASN E 45 21.79 54.13 66.59
C ASN E 45 21.82 53.06 65.51
N VAL E 46 22.96 52.98 64.81
CA VAL E 46 23.09 52.03 63.72
C VAL E 46 23.07 50.61 64.26
N VAL E 47 22.34 49.73 63.57
CA VAL E 47 22.21 48.32 63.95
C VAL E 47 22.74 47.47 62.82
N ASP E 48 23.59 46.50 63.15
CA ASP E 48 24.18 45.60 62.18
C ASP E 48 23.70 44.18 62.43
N ALA E 49 23.57 43.42 61.34
CA ALA E 49 23.16 42.02 61.43
C ALA E 49 23.69 41.28 60.21
N GLN E 50 23.76 39.96 60.34
CA GLN E 50 24.24 39.09 59.28
C GLN E 50 23.28 37.93 59.10
N THR E 51 23.31 37.34 57.90
CA THR E 51 22.40 36.26 57.56
C THR E 51 22.69 35.04 58.41
N VAL E 52 21.79 34.73 59.34
CA VAL E 52 21.91 33.57 60.21
C VAL E 52 20.66 32.71 60.05
N GLY E 53 20.85 31.41 59.94
CA GLY E 53 19.75 30.49 59.79
C GLY E 53 19.89 29.27 60.68
N THR E 54 18.83 28.96 61.43
CA THR E 54 18.77 27.88 62.41
C THR E 54 20.10 27.66 63.15
N SER E 55 20.69 26.47 63.03
CA SER E 55 21.83 26.12 63.87
C SER E 55 23.05 27.00 63.59
N GLY E 56 23.46 27.10 62.33
CA GLY E 56 24.72 27.72 61.97
C GLY E 56 24.58 28.82 60.93
N ASN E 57 25.64 29.62 60.81
CA ASN E 57 25.65 30.71 59.84
C ASN E 57 25.65 30.15 58.41
N ILE E 58 25.03 30.90 57.51
CA ILE E 58 25.02 30.52 56.10
C ILE E 58 26.41 30.71 55.53
N GLN E 59 26.90 29.71 54.80
CA GLN E 59 28.23 29.73 54.21
C GLN E 59 28.13 29.40 52.73
N ILE E 60 29.22 29.63 52.02
CA ILE E 60 29.24 29.46 50.56
C ILE E 60 29.91 28.14 50.21
N GLN E 61 31.18 27.99 50.58
CA GLN E 61 31.99 26.82 50.24
C GLN E 61 32.00 26.61 48.72
N CYS E 62 32.51 27.62 48.03
CA CYS E 62 32.50 27.64 46.57
C CYS E 62 33.65 26.79 46.02
N SER E 63 33.63 26.56 44.72
CA SER E 63 34.63 25.74 44.05
C SER E 63 35.78 26.61 43.57
N THR E 64 36.89 25.94 43.23
CA THR E 64 38.06 26.66 42.72
C THR E 64 37.72 27.32 41.38
N GLY E 65 38.27 28.52 41.18
CA GLY E 65 37.93 29.29 40.00
C GLY E 65 36.45 29.63 40.02
N LEU E 66 35.86 29.69 38.82
CA LEU E 66 34.42 29.87 38.64
C LEU E 66 33.93 31.16 39.32
N THR E 67 34.42 32.28 38.79
CA THR E 67 34.03 33.60 39.28
C THR E 67 32.52 33.75 39.22
N PRO E 68 31.82 33.75 40.36
CA PRO E 68 30.36 33.77 40.34
C PRO E 68 29.79 35.18 40.33
N SER E 69 28.47 35.28 40.33
CA SER E 69 27.78 36.56 40.37
C SER E 69 26.63 36.48 41.36
N LEU E 70 26.51 37.50 42.21
CA LEU E 70 25.45 37.56 43.21
C LEU E 70 24.47 38.66 42.84
N THR E 71 23.19 38.30 42.75
CA THR E 71 22.13 39.24 42.41
C THR E 71 21.05 39.18 43.49
N VAL E 72 20.69 40.33 44.03
CA VAL E 72 19.70 40.43 45.10
C VAL E 72 18.53 41.23 44.58
N ASN E 73 17.35 40.63 44.59
CA ASN E 73 16.14 41.31 44.16
C ASN E 73 15.70 42.33 45.22
N ALA E 74 14.97 43.34 44.77
CA ALA E 74 14.37 44.29 45.68
C ALA E 74 13.26 43.60 46.48
N GLY E 75 13.00 44.14 47.66
CA GLY E 75 12.00 43.54 48.53
C GLY E 75 10.60 43.72 48.00
N LEU E 76 9.66 43.00 48.65
CA LEU E 76 8.26 43.11 48.26
C LEU E 76 7.74 44.52 48.46
N HIS E 77 8.18 45.18 49.53
CA HIS E 77 7.77 46.55 49.84
C HIS E 77 8.96 47.45 49.53
N ALA E 78 8.98 48.02 48.33
CA ALA E 78 10.09 48.84 47.88
C ALA E 78 9.56 50.11 47.23
N SER E 79 10.35 51.18 47.31
CA SER E 79 9.99 52.46 46.72
C SER E 79 11.26 53.28 46.54
N GLY E 80 11.50 53.74 45.31
CA GLY E 80 12.67 54.56 45.06
C GLY E 80 13.98 53.81 45.05
N GLY E 81 13.96 52.49 44.88
CA GLY E 81 15.17 51.71 44.85
C GLY E 81 15.74 51.35 46.20
N GLN E 82 15.06 51.68 47.29
CA GLN E 82 15.50 51.36 48.64
C GLN E 82 14.53 50.37 49.27
N ARG E 83 15.05 49.26 49.75
CA ARG E 83 14.22 48.22 50.35
C ARG E 83 13.66 48.69 51.68
N TYR E 84 12.44 48.26 51.97
CA TYR E 84 11.69 48.72 53.14
C TYR E 84 11.21 47.53 53.95
N MET E 85 10.79 47.82 55.18
CA MET E 85 10.15 46.85 56.06
C MET E 85 8.77 47.38 56.44
N GLN E 86 7.76 46.52 56.39
CA GLN E 86 6.39 46.92 56.69
C GLN E 86 5.82 46.05 57.80
N ASN E 87 5.13 46.69 58.73
CA ASN E 87 4.54 46.00 59.87
C ASN E 87 3.41 45.09 59.42
N THR E 88 3.24 43.98 60.14
CA THR E 88 2.15 43.05 59.87
C THR E 88 0.82 43.52 60.43
N THR E 89 0.83 44.53 61.30
CA THR E 89 -0.39 45.06 61.91
C THR E 89 -0.82 46.38 61.28
N THR E 90 0.08 47.37 61.26
CA THR E 90 -0.20 48.67 60.69
C THR E 90 0.58 48.82 59.38
N THR E 91 -0.14 49.18 58.31
CA THR E 91 0.48 49.30 56.99
C THR E 91 1.30 50.57 56.84
N SER E 92 1.04 51.60 57.65
CA SER E 92 1.73 52.88 57.47
C SER E 92 3.18 52.81 57.95
N SER E 93 3.42 52.16 59.09
CA SER E 93 4.76 52.14 59.67
C SER E 93 5.75 51.44 58.74
N THR E 94 6.94 52.01 58.62
CA THR E 94 7.95 51.51 57.70
C THR E 94 9.34 51.91 58.19
N ILE E 95 10.29 51.00 58.06
CA ILE E 95 11.70 51.26 58.37
C ILE E 95 12.53 50.91 57.14
N ALA E 96 13.38 51.84 56.72
CA ALA E 96 14.28 51.59 55.61
C ALA E 96 15.53 50.87 56.10
N TYR E 97 16.17 50.13 55.18
CA TYR E 97 17.39 49.42 55.50
C TYR E 97 18.21 49.25 54.23
N ASN E 98 19.50 48.97 54.41
CA ASN E 98 20.42 48.76 53.31
C ASN E 98 21.07 47.38 53.47
N ILE E 99 21.74 46.96 52.40
CA ILE E 99 22.42 45.66 52.36
C ILE E 99 23.77 45.84 51.67
N TYR E 100 24.77 45.11 52.15
CA TYR E 100 26.13 45.26 51.67
C TYR E 100 26.74 43.89 51.37
N SER E 101 27.75 43.89 50.50
CA SER E 101 28.40 42.67 50.04
C SER E 101 29.71 42.38 50.74
N ASP E 102 30.06 43.15 51.77
CA ASP E 102 31.31 42.95 52.50
C ASP E 102 31.09 43.20 53.98
N ALA E 103 32.01 42.65 54.79
CA ALA E 103 31.89 42.76 56.25
C ALA E 103 31.99 44.22 56.70
N ALA E 104 32.87 44.99 56.07
CA ALA E 104 33.03 46.39 56.43
C ALA E 104 31.82 47.23 56.09
N ARG E 105 30.87 46.70 55.31
CA ARG E 105 29.67 47.41 54.90
C ARG E 105 30.02 48.71 54.17
N SER E 106 30.96 48.59 53.23
CA SER E 106 31.38 49.71 52.40
C SER E 106 30.86 49.64 50.97
N ALA E 107 30.65 48.45 50.45
CA ALA E 107 30.15 48.27 49.09
C ALA E 107 28.66 47.97 49.13
N LEU E 108 27.86 48.86 48.55
CA LEU E 108 26.41 48.70 48.55
C LEU E 108 25.96 47.78 47.43
N ILE E 109 24.91 47.02 47.68
CA ILE E 109 24.32 46.12 46.70
C ILE E 109 23.07 46.77 46.14
N GLN E 110 23.03 46.98 44.83
CA GLN E 110 21.89 47.60 44.18
C GLN E 110 20.91 46.54 43.69
N ALA E 111 19.66 46.95 43.52
CA ALA E 111 18.62 46.03 43.10
C ALA E 111 18.85 45.58 41.66
N ASN E 112 18.76 44.26 41.44
CA ASN E 112 18.89 43.67 40.11
C ASN E 112 20.21 44.06 39.43
N THR E 113 21.28 44.08 40.22
CA THR E 113 22.62 44.39 39.71
C THR E 113 23.58 43.30 40.18
N PRO E 114 24.18 42.54 39.27
CA PRO E 114 25.09 41.47 39.69
C PRO E 114 26.32 42.02 40.39
N VAL E 115 26.83 41.25 41.34
CA VAL E 115 28.05 41.59 42.08
C VAL E 115 29.04 40.47 41.90
N ASP E 116 30.26 40.83 41.48
CA ASP E 116 31.31 39.84 41.18
C ASP E 116 32.03 39.52 42.49
N ILE E 117 31.44 38.59 43.25
CA ILE E 117 32.06 38.12 44.50
C ILE E 117 32.94 36.93 44.14
N SER E 118 34.15 37.23 43.71
CA SER E 118 35.10 36.21 43.29
C SER E 118 36.06 35.79 44.39
N SER E 119 35.97 36.40 45.57
CA SER E 119 36.87 36.09 46.67
C SER E 119 36.38 34.94 47.54
N VAL E 120 35.23 34.35 47.21
CA VAL E 120 34.65 33.28 48.02
C VAL E 120 35.06 31.92 47.48
N SER E 121 36.04 31.92 46.57
CA SER E 121 36.48 30.69 45.92
C SER E 121 37.44 29.94 46.84
N THR E 122 38.07 28.89 46.29
CA THR E 122 39.04 28.05 47.00
C THR E 122 38.42 27.42 48.26
N GLY E 123 37.13 27.10 48.18
CA GLY E 123 36.47 26.41 49.28
C GLY E 123 36.53 27.20 50.57
N THR E 124 36.97 26.51 51.64
CA THR E 124 37.25 27.08 52.96
C THR E 124 35.94 27.40 53.68
N ALA E 125 34.81 27.28 52.97
CA ALA E 125 33.47 27.52 53.54
C ALA E 125 33.39 28.90 54.18
N VAL E 126 33.63 29.93 53.35
CA VAL E 126 33.58 31.30 53.83
C VAL E 126 32.12 31.72 54.01
N ASN E 127 31.90 32.70 54.90
CA ASN E 127 30.56 33.20 55.14
C ASN E 127 30.00 33.87 53.89
N ILE E 128 28.69 33.77 53.71
CA ILE E 128 28.05 34.32 52.52
C ILE E 128 28.13 35.85 52.56
N PRO E 129 28.52 36.50 51.47
CA PRO E 129 28.62 37.98 51.45
C PRO E 129 27.25 38.66 51.38
N LEU E 130 26.61 38.78 52.54
CA LEU E 130 25.32 39.45 52.62
C LEU E 130 25.16 40.00 54.04
N TYR E 131 25.38 41.30 54.18
CA TYR E 131 25.30 41.98 55.47
C TYR E 131 24.36 43.16 55.36
N GLY E 132 23.55 43.37 56.39
CA GLY E 132 22.57 44.45 56.41
C GLY E 132 22.89 45.44 57.52
N ARG E 133 22.47 46.69 57.31
CA ARG E 133 22.67 47.76 58.29
C ARG E 133 21.49 48.72 58.23
N VAL E 134 21.04 49.15 59.41
CA VAL E 134 19.95 50.12 59.53
C VAL E 134 20.54 51.39 60.10
N VAL E 135 20.44 52.48 59.36
CA VAL E 135 20.99 53.78 59.74
C VAL E 135 19.83 54.69 60.09
N PRO E 136 19.86 55.37 61.25
CA PRO E 136 18.73 56.21 61.68
C PRO E 136 18.69 57.60 61.03
N THR E 137 18.84 57.62 59.71
CA THR E 137 18.66 58.84 58.93
C THR E 137 17.64 58.59 57.84
N GLY E 138 16.75 59.56 57.63
CA GLY E 138 15.68 59.38 56.67
C GLY E 138 14.74 58.24 56.99
N GLN E 139 14.68 57.83 58.26
CA GLN E 139 13.81 56.71 58.67
C GLN E 139 12.43 57.20 59.05
N SER E 140 11.81 58.01 58.17
CA SER E 140 10.52 58.66 58.43
C SER E 140 10.64 59.36 59.78
N THR E 141 9.72 59.14 60.71
CA THR E 141 9.90 59.65 62.06
C THR E 141 10.93 58.79 62.81
N PRO E 142 11.75 59.41 63.68
CA PRO E 142 12.76 58.62 64.40
C PRO E 142 12.19 57.48 65.24
N THR E 143 11.01 57.67 65.84
CA THR E 143 10.42 56.64 66.68
C THR E 143 9.23 55.99 65.99
N PRO E 144 9.29 54.71 65.67
CA PRO E 144 8.15 54.04 65.03
C PRO E 144 7.20 53.42 66.05
N THR E 145 6.11 52.81 65.57
CA THR E 145 5.17 52.14 66.45
C THR E 145 5.68 50.73 66.75
N ALA E 146 4.86 49.93 67.43
CA ALA E 146 5.23 48.58 67.82
C ALA E 146 4.74 47.57 66.78
N GLY E 147 5.47 46.47 66.68
CA GLY E 147 5.11 45.41 65.75
C GLY E 147 6.30 44.53 65.45
N THR E 148 6.12 43.67 64.45
CA THR E 148 7.15 42.74 63.99
C THR E 148 7.32 42.96 62.49
N TYR E 149 8.16 43.91 62.12
CA TYR E 149 8.36 44.24 60.71
C TYR E 149 9.09 43.10 60.01
N THR E 150 8.66 42.79 58.79
CA THR E 150 9.21 41.68 58.03
C THR E 150 9.35 42.07 56.57
N ASP E 151 10.21 41.33 55.87
CA ASP E 151 10.47 41.51 54.45
C ASP E 151 11.20 40.28 53.95
N THR E 152 11.05 40.00 52.66
CA THR E 152 11.70 38.85 52.03
C THR E 152 12.40 39.29 50.76
N LEU E 153 13.57 38.70 50.51
CA LEU E 153 14.38 39.01 49.34
C LEU E 153 14.36 37.82 48.38
N LEU E 154 15.17 37.90 47.33
CA LEU E 154 15.34 36.80 46.38
C LEU E 154 16.79 36.82 45.90
N VAL E 155 17.60 35.92 46.43
CA VAL E 155 19.04 35.89 46.19
C VAL E 155 19.33 34.86 45.11
N THR E 156 20.03 35.28 44.06
CA THR E 156 20.38 34.42 42.94
C THR E 156 21.89 34.36 42.80
N ILE E 157 22.43 33.15 42.72
CA ILE E 157 23.86 32.93 42.49
C ILE E 157 24.00 32.33 41.10
N ALA E 158 24.68 33.05 40.20
CA ALA E 158 24.93 32.60 38.84
C ALA E 158 26.44 32.51 38.63
N TRP E 159 26.88 31.46 37.95
CA TRP E 159 28.31 31.24 37.72
C TRP E 159 28.56 30.32 36.54
#